data_2FHK
#
_entry.id   2FHK
#
_cell.length_a   86.000
_cell.length_b   74.200
_cell.length_c   103.600
_cell.angle_alpha   90.00
_cell.angle_beta   113.60
_cell.angle_gamma   90.00
#
_symmetry.space_group_name_H-M   'P 1 21 1'
#
loop_
_entity.id
_entity.type
_entity.pdbx_description
1 polymer 'Formylmethanofuran--tetrahydromethanopterin formyltransferase'
2 non-polymer 'POTASSIUM ION'
3 non-polymer N-[4,5,7-TRICARBOXYHEPTANOYL]-L-GAMMA-GLUTAMYL-N-{2-[4-({5-[(FORMYLAMINO)METHYL]-3-FURYL}METHOXY)PHENYL]ETHYL}-D-GLUTAMINE
4 water water
#
_entity_poly.entity_id   1
_entity_poly.type   'polypeptide(L)'
_entity_poly.pdbx_seq_one_letter_code
;MEINGVEIEDTFAEAFEAKMARVLITAASHKWAMIAVKEATGFGTSVIMCPAEAGIDCGYVPPEETPDGRPGVTIMIGHN
DEDELKEQLLDRIGQCVMTAPTASAFDAMPEAEKEDEDRVGYKLSFFGDGYQEEDELDGRKVWKIPVVEGEFIVEDSFGI
TTGVAGGNFYIMAESQPAGLQAAEAAVDAIKGVEGAYAPFPGGIVASASKVGSKQYDFLPASTNDAYCPTVEDNELPEGV
KCVYEIVINGLNEEAVKEAMRVGIEAACQQPGVVKISAGNFGGKLGQYEIHLHDLF
;
_entity_poly.pdbx_strand_id   A,B,C,D
#
loop_
_chem_comp.id
_chem_comp.type
_chem_comp.name
_chem_comp.formula
K non-polymer 'POTASSIUM ION' 'K 1'
MFN non-polymer N-[4,5,7-TRICARBOXYHEPTANOYL]-L-GAMMA-GLUTAMYL-N-{2-[4-({5-[(FORMYLAMINO)METHYL]-3-FURYL}METHOXY)PHENYL]ETHYL}-D-GLUTAMINE 'C35 H44 N4 O16'
#
# COMPACT_ATOMS: atom_id res chain seq x y z
N MET A 1 -2.80 33.21 20.68
CA MET A 1 -2.66 32.81 19.25
C MET A 1 -3.57 31.61 18.92
N GLU A 2 -4.29 31.72 17.81
CA GLU A 2 -5.10 30.61 17.30
C GLU A 2 -4.86 30.36 15.81
N ILE A 3 -4.84 29.08 15.42
CA ILE A 3 -4.81 28.70 14.01
C ILE A 3 -6.08 27.91 13.75
N ASN A 4 -6.93 28.44 12.88
CA ASN A 4 -8.27 27.88 12.60
C ASN A 4 -9.02 27.54 13.90
N GLY A 5 -9.03 28.49 14.84
CA GLY A 5 -9.69 28.32 16.13
C GLY A 5 -9.02 27.38 17.11
N VAL A 6 -7.79 26.94 16.79
CA VAL A 6 -7.05 26.04 17.67
C VAL A 6 -5.98 26.84 18.43
N GLU A 7 -5.98 26.71 19.76
CA GLU A 7 -5.05 27.42 20.63
C GLU A 7 -3.61 26.94 20.39
N ILE A 8 -2.71 27.89 20.12
CA ILE A 8 -1.28 27.58 20.07
C ILE A 8 -0.66 28.03 21.39
N GLU A 9 -0.18 27.09 22.19
CA GLU A 9 0.42 27.41 23.46
C GLU A 9 1.75 28.15 23.28
N ASP A 10 1.96 29.19 24.09
CA ASP A 10 3.21 29.93 24.09
C ASP A 10 4.27 29.11 24.84
N THR A 11 4.79 28.09 24.15
CA THR A 11 5.87 27.26 24.70
C THR A 11 6.90 26.93 23.62
N PHE A 12 7.78 25.99 23.90
CA PHE A 12 8.79 25.62 22.92
C PHE A 12 9.11 24.13 22.92
N ALA A 13 9.58 23.63 21.79
CA ALA A 13 10.18 22.31 21.70
C ALA A 13 11.66 22.43 22.04
N GLU A 14 12.15 21.57 22.92
CA GLU A 14 13.56 21.52 23.22
C GLU A 14 14.22 20.34 22.49
N ALA A 15 15.12 20.67 21.57
CA ALA A 15 15.75 19.68 20.71
C ALA A 15 17.27 19.66 20.91
N PHE A 16 17.91 18.65 20.32
CA PHE A 16 19.32 18.34 20.60
C PHE A 16 20.14 18.23 19.34
N GLU A 17 21.45 18.49 19.46
CA GLU A 17 22.41 18.11 18.44
C GLU A 17 22.41 16.59 18.36
N ALA A 18 22.52 16.05 17.15
CA ALA A 18 22.63 14.61 16.96
C ALA A 18 23.30 14.33 15.63
N LYS A 19 24.06 13.24 15.57
CA LYS A 19 24.74 12.87 14.33
C LYS A 19 23.74 12.22 13.39
N MET A 20 23.85 12.54 12.10
CA MET A 20 22.92 12.03 11.09
C MET A 20 23.59 11.73 9.77
N ALA A 21 23.08 10.69 9.12
CA ALA A 21 23.43 10.38 7.75
C ALA A 21 22.16 10.41 6.91
N ARG A 22 22.33 10.54 5.60
CA ARG A 22 21.23 10.62 4.66
C ARG A 22 21.60 9.77 3.45
N VAL A 23 20.76 8.78 3.17
CA VAL A 23 21.07 7.73 2.20
C VAL A 23 20.00 7.74 1.12
N LEU A 24 20.44 7.65 -0.14
CA LEU A 24 19.53 7.40 -1.25
C LEU A 24 19.51 5.91 -1.60
N ILE A 25 18.32 5.32 -1.52
CA ILE A 25 18.12 3.93 -1.91
C ILE A 25 17.37 3.91 -3.23
N THR A 26 17.96 3.28 -4.24
CA THR A 26 17.27 3.11 -5.51
C THR A 26 17.04 1.62 -5.68
N ALA A 27 16.12 1.28 -6.57
CA ALA A 27 15.77 -0.10 -6.82
C ALA A 27 15.12 -0.19 -8.19
N ALA A 28 14.70 -1.39 -8.57
CA ALA A 28 14.07 -1.61 -9.87
C ALA A 28 12.75 -0.86 -10.00
N SER A 29 12.08 -0.65 -8.88
CA SER A 29 10.85 0.13 -8.83
C SER A 29 10.72 0.82 -7.48
N HIS A 30 9.79 1.76 -7.38
CA HIS A 30 9.45 2.41 -6.11
C HIS A 30 9.06 1.37 -5.05
N LYS A 31 8.30 0.37 -5.47
CA LYS A 31 7.87 -0.74 -4.62
C LYS A 31 9.06 -1.43 -3.93
N TRP A 32 10.07 -1.79 -4.71
CA TRP A 32 11.25 -2.48 -4.18
C TRP A 32 12.15 -1.56 -3.40
N ALA A 33 12.14 -0.27 -3.76
CA ALA A 33 12.87 0.74 -3.00
C ALA A 33 12.28 0.85 -1.60
N MET A 34 10.95 0.95 -1.53
CA MET A 34 10.22 1.01 -0.27
C MET A 34 10.39 -0.26 0.60
N ILE A 35 10.45 -1.43 -0.04
CA ILE A 35 10.74 -2.70 0.66
C ILE A 35 12.03 -2.59 1.48
N ALA A 36 13.09 -2.11 0.84
CA ALA A 36 14.39 -1.93 1.50
C ALA A 36 14.34 -0.85 2.57
N VAL A 37 13.67 0.26 2.24
CA VAL A 37 13.50 1.40 3.12
C VAL A 37 12.83 1.04 4.46
N LYS A 38 11.69 0.35 4.39
CA LYS A 38 10.95 -0.05 5.60
C LYS A 38 11.76 -0.96 6.49
N GLU A 39 12.50 -1.89 5.88
CA GLU A 39 13.35 -2.79 6.62
C GLU A 39 14.48 -2.03 7.30
N ALA A 40 15.15 -1.15 6.56
CA ALA A 40 16.34 -0.44 7.02
C ALA A 40 16.04 0.62 8.10
N THR A 41 14.83 1.15 8.08
CA THR A 41 14.46 2.24 9.00
C THR A 41 13.56 1.76 10.15
N GLY A 42 13.26 0.47 10.18
CA GLY A 42 12.48 -0.12 11.28
C GLY A 42 13.30 -0.29 12.55
N PHE A 43 12.64 -0.69 13.64
CA PHE A 43 13.26 -0.77 14.96
C PHE A 43 14.22 0.43 15.17
N GLY A 44 13.67 1.63 14.99
CA GLY A 44 14.43 2.87 15.05
C GLY A 44 13.56 4.09 15.32
N THR A 45 12.75 4.02 16.38
CA THR A 45 11.91 5.15 16.78
C THR A 45 12.65 6.08 17.75
N SER A 46 13.41 5.49 18.66
CA SER A 46 14.00 6.22 19.77
C SER A 46 15.25 5.53 20.27
N VAL A 47 16.29 6.31 20.54
CA VAL A 47 17.52 5.78 21.12
C VAL A 47 17.36 5.38 22.60
N ILE A 48 16.17 5.59 23.16
CA ILE A 48 15.88 5.12 24.52
C ILE A 48 16.11 3.61 24.61
N MET A 49 15.52 2.84 23.70
CA MET A 49 15.76 1.39 23.65
C MET A 49 15.86 0.81 22.23
N CYS A 50 15.88 1.67 21.21
CA CYS A 50 16.19 1.26 19.84
C CYS A 50 17.66 1.57 19.53
N PRO A 51 18.26 0.85 18.56
CA PRO A 51 19.65 1.09 18.17
C PRO A 51 19.89 2.41 17.42
N ALA A 52 18.84 3.02 16.89
CA ALA A 52 18.96 4.30 16.16
C ALA A 52 17.61 5.01 16.04
N GLU A 53 17.63 6.20 15.45
CA GLU A 53 16.42 6.91 15.06
C GLU A 53 16.45 7.08 13.55
N ALA A 54 15.52 6.45 12.86
CA ALA A 54 15.53 6.41 11.40
C ALA A 54 14.16 6.65 10.80
N GLY A 55 14.12 7.06 9.53
CA GLY A 55 12.84 7.29 8.86
C GLY A 55 13.06 7.72 7.44
N ILE A 56 11.96 7.76 6.69
CA ILE A 56 11.99 8.22 5.31
C ILE A 56 12.04 9.74 5.31
N ASP A 57 12.89 10.28 4.42
CA ASP A 57 12.90 11.69 4.12
C ASP A 57 12.01 11.99 2.91
N CYS A 58 12.51 11.72 1.70
CA CYS A 58 11.76 11.93 0.47
C CYS A 58 11.28 10.60 -0.10
N GLY A 59 9.96 10.44 -0.12
CA GLY A 59 9.35 9.18 -0.54
C GLY A 59 9.51 8.88 -2.02
N TYR A 60 9.69 9.92 -2.83
CA TYR A 60 9.80 9.77 -4.28
C TYR A 60 10.96 10.60 -4.82
N VAL A 61 11.97 9.91 -5.34
CA VAL A 61 13.04 10.56 -6.11
C VAL A 61 12.89 10.12 -7.56
N PRO A 62 12.67 11.08 -8.48
CA PRO A 62 12.54 10.67 -9.89
C PRO A 62 13.79 9.94 -10.39
N PRO A 63 13.59 8.89 -11.20
CA PRO A 63 14.67 8.14 -11.83
C PRO A 63 15.69 9.04 -12.56
N GLU A 64 15.24 10.14 -13.15
CA GLU A 64 16.14 11.03 -13.88
C GLU A 64 17.05 11.87 -12.96
N GLU A 65 16.81 11.80 -11.66
CA GLU A 65 17.64 12.51 -10.68
C GLU A 65 18.55 11.60 -9.85
N THR A 66 18.47 10.29 -10.08
CA THR A 66 19.32 9.32 -9.36
C THR A 66 20.54 8.96 -10.22
N PRO A 67 21.67 8.57 -9.57
CA PRO A 67 22.92 8.24 -10.28
C PRO A 67 22.82 7.07 -11.27
N ASP A 68 21.87 6.16 -11.03
CA ASP A 68 21.72 4.98 -11.86
C ASP A 68 20.49 5.03 -12.77
N GLY A 69 19.75 6.13 -12.72
CA GLY A 69 18.54 6.27 -13.52
C GLY A 69 17.35 5.43 -13.10
N ARG A 70 17.35 4.98 -11.83
CA ARG A 70 16.29 4.14 -11.29
C ARG A 70 15.47 4.86 -10.21
N PRO A 71 14.20 4.43 -9.98
CA PRO A 71 13.38 5.04 -8.92
C PRO A 71 14.11 5.04 -7.58
N GLY A 72 13.98 6.13 -6.81
CA GLY A 72 14.65 6.22 -5.52
C GLY A 72 13.83 6.77 -4.36
N VAL A 73 14.36 6.58 -3.15
CA VAL A 73 13.75 7.04 -1.91
C VAL A 73 14.91 7.47 -1.02
N THR A 74 14.78 8.61 -0.33
CA THR A 74 15.82 8.98 0.63
C THR A 74 15.40 8.73 2.07
N ILE A 75 16.35 8.23 2.84
CA ILE A 75 16.14 7.96 4.25
C ILE A 75 17.18 8.70 5.07
N MET A 76 16.94 8.83 6.37
CA MET A 76 17.88 9.43 7.28
C MET A 76 18.02 8.54 8.51
N ILE A 77 19.25 8.40 9.00
CA ILE A 77 19.53 7.58 10.18
C ILE A 77 20.31 8.48 11.16
N GLY A 78 19.89 8.48 12.42
CA GLY A 78 20.51 9.35 13.41
C GLY A 78 20.82 8.69 14.73
N HIS A 79 21.77 9.26 15.45
CA HIS A 79 22.13 8.81 16.79
C HIS A 79 22.91 9.91 17.52
N ASN A 80 22.75 9.97 18.84
CA ASN A 80 23.48 10.94 19.66
C ASN A 80 25.00 10.72 19.65
N ASP A 81 25.41 9.48 19.34
CA ASP A 81 26.83 9.13 19.32
C ASP A 81 27.27 8.74 17.91
N GLU A 82 28.32 9.38 17.41
CA GLU A 82 28.78 9.20 16.03
C GLU A 82 29.28 7.78 15.73
N ASP A 83 29.98 7.18 16.69
CA ASP A 83 30.48 5.80 16.55
C ASP A 83 29.35 4.78 16.42
N GLU A 84 28.28 4.98 17.19
CA GLU A 84 27.12 4.11 17.12
C GLU A 84 26.35 4.31 15.82
N LEU A 85 26.29 5.56 15.34
CA LEU A 85 25.70 5.87 14.03
C LEU A 85 26.44 5.15 12.90
N LYS A 86 27.76 5.13 12.96
CA LYS A 86 28.57 4.46 11.94
C LYS A 86 28.30 2.96 11.95
N GLU A 87 28.19 2.39 13.15
CA GLU A 87 27.79 0.99 13.31
C GLU A 87 26.40 0.74 12.72
N GLN A 88 25.47 1.66 12.99
CA GLN A 88 24.09 1.54 12.50
C GLN A 88 24.00 1.65 10.97
N LEU A 89 24.85 2.48 10.38
CA LEU A 89 24.93 2.59 8.92
C LEU A 89 25.37 1.27 8.30
N LEU A 90 26.44 0.67 8.84
CA LEU A 90 26.98 -0.60 8.37
C LEU A 90 25.96 -1.73 8.50
N ASP A 91 25.31 -1.78 9.66
CA ASP A 91 24.34 -2.83 9.98
C ASP A 91 23.09 -2.74 9.11
N ARG A 92 22.48 -1.57 9.06
CA ARG A 92 21.22 -1.39 8.33
C ARG A 92 21.38 -1.47 6.81
N ILE A 93 22.42 -0.84 6.26
CA ILE A 93 22.70 -0.96 4.82
C ILE A 93 23.15 -2.40 4.46
N GLY A 94 24.01 -2.98 5.28
CA GLY A 94 24.54 -4.33 5.01
C GLY A 94 23.55 -5.47 5.21
N GLN A 95 22.66 -5.33 6.19
CA GLN A 95 21.68 -6.37 6.49
C GLN A 95 20.33 -6.15 5.85
N CYS A 96 20.02 -4.91 5.50
CA CYS A 96 18.67 -4.56 5.08
C CYS A 96 18.59 -4.00 3.67
N VAL A 97 19.68 -3.43 3.17
CA VAL A 97 19.69 -2.85 1.83
C VAL A 97 20.48 -3.75 0.89
N MET A 98 21.58 -4.30 1.37
CA MET A 98 22.37 -5.23 0.56
C MET A 98 21.58 -6.51 0.26
N THR A 99 20.82 -6.96 1.24
CA THR A 99 19.96 -8.16 1.11
C THR A 99 18.67 -7.92 0.32
N ALA A 100 18.23 -6.67 0.23
CA ALA A 100 16.96 -6.33 -0.42
C ALA A 100 17.06 -6.44 -1.93
N PRO A 101 16.09 -7.13 -2.58
CA PRO A 101 16.13 -7.24 -4.03
C PRO A 101 16.33 -5.91 -4.77
N THR A 102 17.29 -5.92 -5.70
CA THR A 102 17.59 -4.81 -6.64
C THR A 102 18.11 -3.49 -6.06
N ALA A 103 18.06 -3.32 -4.74
CA ALA A 103 18.36 -2.03 -4.12
C ALA A 103 19.85 -1.67 -4.13
N SER A 104 20.14 -0.40 -4.37
CA SER A 104 21.50 0.14 -4.30
C SER A 104 21.46 1.27 -3.27
N ALA A 105 22.63 1.62 -2.73
CA ALA A 105 22.70 2.68 -1.72
C ALA A 105 23.73 3.75 -2.08
N PHE A 106 23.28 4.99 -2.17
CA PHE A 106 24.15 6.13 -2.49
C PHE A 106 24.02 7.18 -1.40
N ASP A 107 25.09 7.93 -1.20
CA ASP A 107 25.09 9.05 -0.27
C ASP A 107 24.11 10.11 -0.76
N ALA A 108 23.36 10.70 0.18
CA ALA A 108 22.46 11.79 -0.14
C ALA A 108 22.57 12.91 0.90
N MET A 109 23.73 13.03 1.53
CA MET A 109 24.00 14.14 2.43
C MET A 109 24.35 15.39 1.59
N PRO A 110 23.57 16.48 1.75
CA PRO A 110 23.89 17.73 1.04
C PRO A 110 25.31 18.22 1.31
N GLU A 111 25.94 18.78 0.29
CA GLU A 111 27.34 19.24 0.37
C GLU A 111 27.61 20.16 1.57
N ALA A 112 26.68 21.09 1.81
CA ALA A 112 26.82 22.11 2.85
C ALA A 112 26.73 21.54 4.26
N GLU A 113 26.03 20.42 4.41
CA GLU A 113 25.79 19.81 5.72
C GLU A 113 26.91 18.87 6.13
N LYS A 114 27.61 18.33 5.15
CA LYS A 114 28.67 17.35 5.35
C LYS A 114 29.76 17.90 6.27
N GLU A 115 29.97 17.23 7.39
CA GLU A 115 30.99 17.58 8.37
C GLU A 115 32.06 16.50 8.42
N ASP A 116 31.61 15.27 8.32
CA ASP A 116 32.43 14.08 8.46
C ASP A 116 32.06 13.11 7.35
N GLU A 117 32.79 12.01 7.24
CA GLU A 117 32.38 10.91 6.34
C GLU A 117 32.72 9.54 6.91
N ASP A 118 31.86 8.57 6.61
CA ASP A 118 32.14 7.17 6.92
C ASP A 118 32.15 6.37 5.63
N ARG A 119 33.21 5.59 5.45
CA ARG A 119 33.36 4.76 4.25
C ARG A 119 32.56 3.47 4.39
N VAL A 120 31.24 3.59 4.36
CA VAL A 120 30.36 2.44 4.55
C VAL A 120 30.48 1.46 3.38
N GLY A 121 30.51 2.00 2.16
CA GLY A 121 30.68 1.18 0.95
C GLY A 121 31.96 0.36 0.97
N TYR A 122 33.07 1.01 1.30
CA TYR A 122 34.36 0.33 1.44
C TYR A 122 34.28 -0.79 2.48
N LYS A 123 33.71 -0.48 3.63
CA LYS A 123 33.63 -1.44 4.74
C LYS A 123 32.73 -2.62 4.39
N LEU A 124 31.68 -2.37 3.62
CA LEU A 124 30.78 -3.42 3.17
C LEU A 124 31.40 -4.30 2.08
N SER A 125 32.26 -3.69 1.24
CA SER A 125 32.80 -4.34 0.05
C SER A 125 33.58 -5.63 0.34
N PHE A 126 34.09 -5.75 1.56
CA PHE A 126 34.80 -6.97 2.00
C PHE A 126 33.91 -8.22 1.97
N PHE A 127 32.60 -8.01 2.01
CA PHE A 127 31.60 -9.09 1.80
C PHE A 127 31.84 -9.82 0.48
N GLY A 128 32.44 -9.11 -0.49
CA GLY A 128 32.82 -9.69 -1.78
C GLY A 128 33.96 -10.69 -1.71
N ASP A 129 34.59 -10.79 -0.54
CA ASP A 129 35.64 -11.79 -0.28
C ASP A 129 36.72 -11.84 -1.37
N GLY A 130 37.21 -10.67 -1.76
CA GLY A 130 38.26 -10.56 -2.78
C GLY A 130 37.74 -10.25 -4.17
N TYR A 131 36.45 -10.51 -4.41
CA TYR A 131 35.85 -10.32 -5.73
C TYR A 131 35.21 -8.95 -5.97
N GLN A 132 35.18 -8.13 -4.92
CA GLN A 132 34.64 -6.77 -5.01
C GLN A 132 35.50 -5.87 -5.92
N GLU A 133 34.86 -4.89 -6.53
CA GLU A 133 35.51 -4.01 -7.49
C GLU A 133 35.04 -2.57 -7.28
N GLU A 134 35.98 -1.63 -7.29
CA GLU A 134 35.64 -0.22 -7.29
C GLU A 134 35.35 0.24 -8.73
N ASP A 135 34.48 1.24 -8.86
CA ASP A 135 34.15 1.81 -10.16
C ASP A 135 33.61 3.20 -9.94
N GLU A 136 33.41 3.94 -11.03
CA GLU A 136 32.76 5.24 -10.99
C GLU A 136 31.39 5.11 -11.62
N LEU A 137 30.38 5.65 -10.94
CA LEU A 137 29.02 5.69 -11.46
C LEU A 137 28.44 7.09 -11.35
N ASP A 138 28.26 7.73 -12.50
CA ASP A 138 27.74 9.10 -12.57
C ASP A 138 28.55 10.09 -11.72
N GLY A 139 29.87 9.89 -11.70
CA GLY A 139 30.77 10.76 -10.95
C GLY A 139 31.03 10.32 -9.52
N ARG A 140 30.32 9.29 -9.08
CA ARG A 140 30.47 8.78 -7.72
C ARG A 140 31.41 7.57 -7.66
N LYS A 141 32.20 7.51 -6.60
CA LYS A 141 33.02 6.33 -6.31
C LYS A 141 32.13 5.26 -5.66
N VAL A 142 31.94 4.15 -6.36
CA VAL A 142 31.10 3.05 -5.87
C VAL A 142 31.83 1.71 -5.82
N TRP A 143 31.36 0.83 -4.94
CA TRP A 143 31.81 -0.57 -4.91
C TRP A 143 30.76 -1.48 -5.50
N LYS A 144 31.20 -2.31 -6.45
CA LYS A 144 30.38 -3.37 -7.02
C LYS A 144 30.72 -4.68 -6.31
N ILE A 145 29.79 -5.13 -5.46
CA ILE A 145 29.94 -6.31 -4.62
C ILE A 145 29.17 -7.47 -5.23
N PRO A 146 29.87 -8.57 -5.59
CA PRO A 146 29.18 -9.69 -6.23
C PRO A 146 28.26 -10.35 -5.22
N VAL A 147 27.00 -10.51 -5.60
CA VAL A 147 26.01 -11.19 -4.78
C VAL A 147 25.28 -12.19 -5.67
N VAL A 148 24.56 -13.12 -5.05
CA VAL A 148 23.86 -14.17 -5.81
C VAL A 148 22.86 -13.61 -6.84
N GLU A 149 22.31 -12.42 -6.55
CA GLU A 149 21.39 -11.73 -7.46
C GLU A 149 22.12 -11.16 -8.67
N GLY A 150 23.39 -10.85 -8.47
CA GLY A 150 24.20 -10.17 -9.48
C GLY A 150 25.22 -9.29 -8.79
N GLU A 151 24.85 -8.03 -8.58
CA GLU A 151 25.73 -7.06 -7.92
C GLU A 151 24.98 -6.21 -6.90
N PHE A 152 25.69 -5.80 -5.85
CA PHE A 152 25.20 -4.76 -4.95
C PHE A 152 26.07 -3.53 -5.14
N ILE A 153 25.45 -2.43 -5.57
CA ILE A 153 26.15 -1.16 -5.77
C ILE A 153 25.98 -0.28 -4.55
N VAL A 154 27.11 0.08 -3.93
CA VAL A 154 27.09 0.99 -2.78
C VAL A 154 28.21 2.05 -2.88
N GLU A 155 27.87 3.30 -2.60
CA GLU A 155 28.82 4.43 -2.66
C GLU A 155 29.91 4.21 -1.62
N ASP A 156 31.14 4.58 -1.99
CA ASP A 156 32.29 4.32 -1.12
C ASP A 156 32.12 4.96 0.24
N SER A 157 31.67 6.21 0.26
CA SER A 157 31.63 6.98 1.50
C SER A 157 30.34 7.80 1.64
N PHE A 158 29.91 7.98 2.88
CA PHE A 158 28.66 8.67 3.20
C PHE A 158 28.93 9.84 4.15
N GLY A 159 28.36 11.00 3.83
CA GLY A 159 28.55 12.19 4.64
C GLY A 159 27.76 12.18 5.93
N ILE A 160 28.41 12.59 7.02
CA ILE A 160 27.76 12.70 8.32
C ILE A 160 27.76 14.16 8.78
N THR A 161 26.62 14.56 9.34
CA THR A 161 26.40 15.93 9.79
C THR A 161 26.02 15.93 11.29
N THR A 162 26.05 17.11 11.90
CA THR A 162 25.43 17.30 13.19
C THR A 162 24.08 17.94 12.90
N GLY A 163 23.02 17.18 13.13
CA GLY A 163 21.66 17.64 12.86
C GLY A 163 20.93 18.03 14.14
N VAL A 164 19.61 18.07 14.07
CA VAL A 164 18.77 18.49 15.18
C VAL A 164 17.77 17.37 15.46
N ALA A 165 17.76 16.87 16.69
CA ALA A 165 16.89 15.77 17.08
C ALA A 165 15.94 16.15 18.19
N GLY A 166 14.67 15.83 18.00
CA GLY A 166 13.69 15.99 19.07
C GLY A 166 12.79 17.19 18.93
N GLY A 167 12.81 17.83 17.76
CA GLY A 167 11.79 18.83 17.42
C GLY A 167 10.46 18.15 17.64
N ASN A 168 9.46 18.88 18.12
CA ASN A 168 8.20 18.24 18.47
C ASN A 168 7.04 19.20 18.66
N PHE A 169 5.83 18.66 18.57
CA PHE A 169 4.64 19.34 19.05
C PHE A 169 3.59 18.34 19.50
N TYR A 170 2.74 18.77 20.42
CA TYR A 170 1.67 17.93 20.94
C TYR A 170 0.36 18.35 20.30
N ILE A 171 -0.44 17.37 19.90
CA ILE A 171 -1.82 17.62 19.48
C ILE A 171 -2.74 17.19 20.60
N MET A 172 -3.50 18.15 21.13
CA MET A 172 -4.47 17.86 22.18
C MET A 172 -5.86 17.89 21.58
N ALA A 173 -6.56 16.77 21.69
CA ALA A 173 -7.81 16.58 20.96
C ALA A 173 -8.95 16.16 21.88
N GLU A 174 -10.18 16.35 21.39
CA GLU A 174 -11.41 15.98 22.10
C GLU A 174 -11.61 14.46 22.25
N SER A 175 -10.92 13.68 21.41
CA SER A 175 -11.02 12.22 21.41
C SER A 175 -9.81 11.64 20.71
N GLN A 176 -9.55 10.34 20.94
CA GLN A 176 -8.48 9.65 20.24
C GLN A 176 -8.65 9.68 18.70
N PRO A 177 -9.85 9.32 18.20
CA PRO A 177 -10.00 9.38 16.73
C PRO A 177 -9.73 10.76 16.10
N ALA A 178 -10.19 11.85 16.72
CA ALA A 178 -9.87 13.19 16.26
C ALA A 178 -8.37 13.52 16.36
N GLY A 179 -7.73 13.05 17.43
CA GLY A 179 -6.29 13.26 17.61
C GLY A 179 -5.47 12.61 16.51
N LEU A 180 -5.83 11.38 16.17
CA LEU A 180 -5.13 10.60 15.17
C LEU A 180 -5.35 11.09 13.75
N GLN A 181 -6.56 11.54 13.45
CA GLN A 181 -6.83 12.13 12.14
C GLN A 181 -6.02 13.41 11.96
N ALA A 182 -5.94 14.21 13.04
CA ALA A 182 -5.13 15.43 13.02
C ALA A 182 -3.64 15.13 12.86
N ALA A 183 -3.17 14.14 13.63
CA ALA A 183 -1.78 13.71 13.60
C ALA A 183 -1.33 13.16 12.24
N GLU A 184 -2.18 12.37 11.57
CA GLU A 184 -1.81 11.84 10.26
C GLU A 184 -1.72 12.96 9.20
N ALA A 185 -2.67 13.90 9.24
CA ALA A 185 -2.62 15.09 8.38
C ALA A 185 -1.31 15.87 8.55
N ALA A 186 -0.88 16.05 9.81
CA ALA A 186 0.43 16.66 10.13
C ALA A 186 1.59 15.90 9.48
N VAL A 187 1.59 14.58 9.60
CA VAL A 187 2.67 13.76 9.03
C VAL A 187 2.66 13.81 7.49
N ASP A 188 1.48 13.81 6.88
CA ASP A 188 1.38 13.98 5.44
C ASP A 188 2.07 15.27 4.99
N ALA A 189 1.94 16.32 5.80
CA ALA A 189 2.58 17.61 5.56
C ALA A 189 4.10 17.54 5.73
N ILE A 190 4.53 16.89 6.79
CA ILE A 190 5.95 16.72 7.07
C ILE A 190 6.65 15.90 5.98
N LYS A 191 5.91 15.00 5.32
CA LYS A 191 6.43 14.21 4.20
C LYS A 191 7.09 15.09 3.13
N GLY A 192 6.54 16.28 2.90
CA GLY A 192 7.02 17.17 1.86
C GLY A 192 8.19 18.06 2.21
N VAL A 193 8.61 18.04 3.48
CA VAL A 193 9.71 18.90 3.95
C VAL A 193 11.04 18.15 3.86
N GLU A 194 11.87 18.51 2.87
CA GLU A 194 13.14 17.83 2.65
C GLU A 194 14.11 18.06 3.81
N GLY A 195 14.87 17.02 4.15
CA GLY A 195 15.83 17.10 5.25
C GLY A 195 15.24 16.86 6.63
N ALA A 196 13.97 16.47 6.69
CA ALA A 196 13.32 16.15 7.96
C ALA A 196 12.60 14.81 7.93
N TYR A 197 12.64 14.10 9.05
CA TYR A 197 11.93 12.83 9.20
C TYR A 197 11.32 12.66 10.60
N ALA A 198 10.31 11.80 10.69
CA ALA A 198 9.63 11.52 11.94
C ALA A 198 9.76 10.02 12.25
N PRO A 199 10.66 9.67 13.19
CA PRO A 199 11.08 8.27 13.42
C PRO A 199 10.03 7.33 14.02
N PHE A 200 9.00 7.86 14.67
CA PHE A 200 8.01 7.03 15.33
C PHE A 200 7.05 6.35 14.34
N PRO A 201 6.29 5.33 14.80
CA PRO A 201 5.43 4.57 13.88
C PRO A 201 4.38 5.46 13.22
N GLY A 202 4.46 5.58 11.89
CA GLY A 202 3.59 6.48 11.14
C GLY A 202 3.90 7.93 11.44
N GLY A 203 5.06 8.16 12.06
CA GLY A 203 5.51 9.49 12.45
C GLY A 203 4.93 10.01 13.76
N ILE A 204 4.16 9.16 14.44
CA ILE A 204 3.31 9.58 15.55
C ILE A 204 3.66 8.83 16.83
N VAL A 205 3.75 9.57 17.94
CA VAL A 205 4.02 9.01 19.26
C VAL A 205 2.72 8.95 20.06
N ALA A 206 2.30 7.74 20.44
CA ALA A 206 1.12 7.57 21.27
C ALA A 206 1.49 7.53 22.77
N SER A 207 2.78 7.41 23.05
CA SER A 207 3.25 7.25 24.41
C SER A 207 4.46 8.12 24.72
N ALA A 208 4.27 9.44 24.65
CA ALA A 208 5.29 10.43 25.04
C ALA A 208 5.82 10.17 26.44
N SER A 209 7.11 10.41 26.63
CA SER A 209 7.81 10.07 27.85
C SER A 209 8.38 11.28 28.59
N LYS A 210 8.77 11.07 29.84
CA LYS A 210 9.50 12.06 30.64
C LYS A 210 10.81 11.43 31.10
N VAL A 211 11.77 12.26 31.48
CA VAL A 211 13.07 11.77 31.93
C VAL A 211 12.91 11.07 33.28
N GLY A 212 13.46 9.86 33.37
CA GLY A 212 13.44 9.08 34.60
C GLY A 212 12.06 8.62 35.03
N SER A 213 11.95 8.31 36.32
CA SER A 213 10.72 7.80 36.91
C SER A 213 10.56 8.39 38.31
N LYS A 214 9.33 8.70 38.69
CA LYS A 214 9.06 9.20 40.04
C LYS A 214 9.10 8.07 41.06
N GLN A 215 8.65 6.88 40.66
CA GLN A 215 8.49 5.77 41.60
C GLN A 215 9.63 4.76 41.59
N TYR A 216 10.39 4.71 40.49
CA TYR A 216 11.39 3.67 40.29
C TYR A 216 12.77 4.21 39.99
N ASP A 217 13.80 3.46 40.38
CA ASP A 217 15.19 3.91 40.22
C ASP A 217 15.96 3.22 39.11
N PHE A 218 15.26 2.41 38.32
CA PHE A 218 15.90 1.63 37.25
C PHE A 218 15.49 2.05 35.83
N LEU A 219 14.58 3.01 35.74
CA LEU A 219 14.05 3.47 34.45
C LEU A 219 14.67 4.79 33.97
N PRO A 220 15.18 4.80 32.72
CA PRO A 220 15.71 6.02 32.10
C PRO A 220 14.60 6.96 31.61
N ALA A 221 13.39 6.42 31.44
CA ALA A 221 12.21 7.19 30.99
C ALA A 221 10.93 6.49 31.41
N SER A 222 9.87 7.27 31.60
CA SER A 222 8.53 6.73 31.88
C SER A 222 7.46 7.64 31.28
N THR A 223 6.20 7.22 31.34
CA THR A 223 5.09 7.99 30.76
C THR A 223 5.04 9.45 31.26
N ASN A 224 4.73 10.36 30.34
CA ASN A 224 4.50 11.76 30.68
C ASN A 224 3.10 11.88 31.30
N ASP A 225 3.01 11.57 32.59
CA ASP A 225 1.73 11.43 33.30
C ASP A 225 0.94 12.74 33.44
N ALA A 226 1.64 13.86 33.28
CA ALA A 226 1.01 15.18 33.25
C ALA A 226 0.04 15.29 32.07
N TYR A 227 0.33 14.57 30.99
CA TYR A 227 -0.45 14.63 29.76
C TYR A 227 -1.26 13.34 29.51
N CYS A 228 -1.43 12.53 30.56
CA CYS A 228 -2.21 11.29 30.48
C CYS A 228 -3.66 11.49 30.91
N PRO A 229 -4.62 11.35 29.96
CA PRO A 229 -6.05 11.57 30.19
C PRO A 229 -6.73 10.64 31.22
N THR A 230 -6.14 9.49 31.49
CA THR A 230 -6.71 8.55 32.48
C THR A 230 -6.08 8.74 33.87
N VAL A 231 -5.06 9.59 33.96
CA VAL A 231 -4.43 9.90 35.24
C VAL A 231 -5.22 11.03 35.93
N GLU A 232 -5.56 10.80 37.19
CA GLU A 232 -6.41 11.69 38.00
C GLU A 232 -5.90 13.14 38.09
N ASP A 233 -4.59 13.27 38.27
CA ASP A 233 -3.98 14.58 38.52
C ASP A 233 -3.26 15.20 37.31
N ASN A 234 -3.76 14.89 36.11
CA ASN A 234 -3.18 15.41 34.86
C ASN A 234 -3.39 16.91 34.66
N GLU A 235 -2.53 17.50 33.85
CA GLU A 235 -2.55 18.95 33.60
C GLU A 235 -3.18 19.30 32.24
N LEU A 236 -4.10 18.46 31.81
CA LEU A 236 -4.77 18.64 30.53
C LEU A 236 -5.95 19.60 30.62
N PRO A 237 -6.07 20.51 29.64
CA PRO A 237 -7.22 21.39 29.47
C PRO A 237 -8.51 20.59 29.49
N GLU A 238 -9.60 21.20 29.94
CA GLU A 238 -10.90 20.53 29.93
C GLU A 238 -11.33 20.30 28.48
N GLY A 239 -11.91 19.13 28.22
CA GLY A 239 -12.30 18.76 26.88
C GLY A 239 -11.21 18.06 26.09
N VAL A 240 -10.05 17.85 26.71
CA VAL A 240 -8.94 17.11 26.09
C VAL A 240 -8.95 15.67 26.62
N LYS A 241 -9.24 14.74 25.71
CA LYS A 241 -9.37 13.31 26.03
C LYS A 241 -8.25 12.46 25.43
N CYS A 242 -7.49 13.04 24.50
CA CYS A 242 -6.36 12.35 23.87
C CYS A 242 -5.26 13.33 23.48
N VAL A 243 -4.02 12.90 23.67
CA VAL A 243 -2.84 13.65 23.25
C VAL A 243 -1.94 12.76 22.37
N TYR A 244 -1.54 13.28 21.21
CA TYR A 244 -0.47 12.67 20.42
C TYR A 244 0.71 13.63 20.32
N GLU A 245 1.91 13.07 20.17
CA GLU A 245 3.10 13.87 19.92
C GLU A 245 3.67 13.52 18.56
N ILE A 246 4.15 14.53 17.83
CA ILE A 246 4.93 14.31 16.61
C ILE A 246 6.37 14.70 16.91
N VAL A 247 7.29 13.75 16.73
CA VAL A 247 8.71 14.02 16.94
C VAL A 247 9.46 14.06 15.62
N ILE A 248 10.26 15.11 15.45
CA ILE A 248 10.89 15.43 14.17
C ILE A 248 12.39 15.56 14.36
N ASN A 249 13.16 14.84 13.53
CA ASN A 249 14.59 15.04 13.39
C ASN A 249 14.89 15.63 12.02
N GLY A 250 15.97 16.41 11.92
CA GLY A 250 16.31 17.06 10.66
C GLY A 250 17.78 17.38 10.47
N LEU A 251 18.15 17.70 9.23
CA LEU A 251 19.54 18.03 8.90
C LEU A 251 20.01 19.27 9.62
N ASN A 252 19.10 20.22 9.82
CA ASN A 252 19.40 21.48 10.51
C ASN A 252 18.16 22.01 11.23
N GLU A 253 18.34 23.10 11.98
CA GLU A 253 17.21 23.70 12.69
C GLU A 253 16.09 24.17 11.76
N GLU A 254 16.45 24.74 10.61
CA GLU A 254 15.45 25.24 9.65
C GLU A 254 14.52 24.14 9.10
N ALA A 255 15.07 22.96 8.85
CA ALA A 255 14.29 21.83 8.37
C ALA A 255 13.29 21.36 9.44
N VAL A 256 13.72 21.34 10.69
CA VAL A 256 12.86 20.97 11.82
C VAL A 256 11.77 22.01 12.05
N LYS A 257 12.15 23.28 12.01
CA LYS A 257 11.19 24.39 12.14
C LYS A 257 10.09 24.35 11.09
N GLU A 258 10.47 24.07 9.84
CA GLU A 258 9.52 24.02 8.72
C GLU A 258 8.56 22.83 8.87
N ALA A 259 9.09 21.69 9.30
CA ALA A 259 8.29 20.49 9.54
C ALA A 259 7.30 20.70 10.68
N MET A 260 7.75 21.38 11.74
CA MET A 260 6.89 21.79 12.84
C MET A 260 5.81 22.75 12.35
N ARG A 261 6.20 23.71 11.53
CA ARG A 261 5.27 24.70 10.98
C ARG A 261 4.16 24.07 10.13
N VAL A 262 4.53 23.33 9.08
CA VAL A 262 3.52 22.72 8.20
C VAL A 262 2.72 21.62 8.89
N GLY A 263 3.34 20.90 9.84
CA GLY A 263 2.64 19.88 10.62
C GLY A 263 1.51 20.46 11.45
N ILE A 264 1.80 21.49 12.24
CA ILE A 264 0.78 22.13 13.06
C ILE A 264 -0.33 22.73 12.20
N GLU A 265 0.07 23.40 11.12
CA GLU A 265 -0.90 23.99 10.18
C GLU A 265 -1.88 22.95 9.62
N ALA A 266 -1.35 21.78 9.27
CA ALA A 266 -2.17 20.66 8.77
C ALA A 266 -3.06 20.06 9.84
N ALA A 267 -2.52 19.86 11.04
CA ALA A 267 -3.29 19.33 12.16
C ALA A 267 -4.48 20.22 12.51
N CYS A 268 -4.28 21.54 12.51
CA CYS A 268 -5.30 22.50 12.93
C CYS A 268 -6.45 22.64 11.92
N GLN A 269 -6.29 22.03 10.75
CA GLN A 269 -7.37 22.00 9.74
C GLN A 269 -8.34 20.86 10.00
N GLN A 270 -7.93 19.90 10.83
CA GLN A 270 -8.76 18.74 11.14
C GLN A 270 -9.67 19.00 12.34
N PRO A 271 -10.90 18.43 12.32
CA PRO A 271 -11.87 18.71 13.39
C PRO A 271 -11.51 18.11 14.75
N GLY A 272 -11.94 18.78 15.81
CA GLY A 272 -11.85 18.25 17.16
C GLY A 272 -10.52 18.46 17.87
N VAL A 273 -9.69 19.34 17.31
CA VAL A 273 -8.39 19.68 17.91
C VAL A 273 -8.57 20.87 18.85
N VAL A 274 -8.17 20.69 20.11
CA VAL A 274 -8.38 21.70 21.16
C VAL A 274 -7.21 22.69 21.26
N LYS A 275 -5.99 22.16 21.35
CA LYS A 275 -4.80 23.01 21.36
C LYS A 275 -3.53 22.29 20.93
N ILE A 276 -2.51 23.09 20.62
CA ILE A 276 -1.20 22.62 20.24
C ILE A 276 -0.20 23.03 21.33
N SER A 277 0.59 22.07 21.79
CA SER A 277 1.63 22.34 22.77
C SER A 277 2.94 21.77 22.24
N ALA A 278 3.97 21.77 23.07
CA ALA A 278 5.26 21.22 22.69
C ALA A 278 5.94 20.70 23.94
N GLY A 279 6.84 19.74 23.74
CA GLY A 279 7.60 19.15 24.84
C GLY A 279 8.97 19.77 24.99
N ASN A 280 9.29 20.16 26.23
CA ASN A 280 10.60 20.69 26.54
C ASN A 280 11.10 20.23 27.91
N PHE A 281 12.30 20.65 28.28
CA PHE A 281 12.91 20.27 29.56
C PHE A 281 13.31 21.52 30.33
N GLY A 282 12.55 22.60 30.11
CA GLY A 282 12.78 23.89 30.75
C GLY A 282 14.14 24.49 30.41
N GLY A 283 14.62 24.24 29.18
CA GLY A 283 15.89 24.78 28.70
C GLY A 283 17.16 24.22 29.32
N LYS A 284 17.02 23.19 30.16
CA LYS A 284 18.16 22.69 30.93
C LYS A 284 18.94 21.55 30.26
N LEU A 285 18.48 21.10 29.10
CA LEU A 285 19.05 19.90 28.49
C LEU A 285 19.54 20.10 27.04
N GLY A 286 18.67 20.68 26.21
CA GLY A 286 18.92 20.77 24.76
C GLY A 286 19.86 21.87 24.31
N GLN A 287 20.08 21.92 23.00
CA GLN A 287 20.91 22.93 22.36
C GLN A 287 20.05 23.86 21.50
N TYR A 288 18.80 23.45 21.30
CA TYR A 288 17.84 24.18 20.49
C TYR A 288 16.54 24.36 21.24
N GLU A 289 15.93 25.53 21.06
CA GLU A 289 14.58 25.81 21.53
C GLU A 289 13.82 26.38 20.35
N ILE A 290 12.76 25.69 19.93
CA ILE A 290 11.92 26.18 18.84
C ILE A 290 10.58 26.61 19.41
N HIS A 291 10.39 27.93 19.50
CA HIS A 291 9.18 28.50 20.10
C HIS A 291 8.04 28.49 19.09
N LEU A 292 6.91 27.93 19.52
CA LEU A 292 5.75 27.77 18.65
C LEU A 292 5.23 29.08 18.06
N HIS A 293 5.21 30.14 18.88
CA HIS A 293 4.69 31.44 18.43
C HIS A 293 5.59 32.08 17.38
N ASP A 294 6.87 31.74 17.39
CA ASP A 294 7.81 32.19 16.35
C ASP A 294 7.57 31.59 14.97
N LEU A 295 6.90 30.45 14.91
CA LEU A 295 6.71 29.74 13.64
C LEU A 295 5.58 30.32 12.80
N PHE A 296 4.71 31.10 13.42
CA PHE A 296 3.48 31.56 12.77
C PHE A 296 3.35 33.08 12.73
N MET B 1 13.86 -34.98 -10.75
CA MET B 1 12.55 -34.39 -10.37
C MET B 1 12.37 -33.01 -10.99
N GLU B 2 11.19 -32.77 -11.57
CA GLU B 2 10.82 -31.46 -12.11
C GLU B 2 9.44 -31.02 -11.65
N ILE B 3 9.31 -29.73 -11.36
CA ILE B 3 8.01 -29.12 -11.10
C ILE B 3 7.76 -28.10 -12.20
N ASN B 4 6.73 -28.34 -13.01
CA ASN B 4 6.43 -27.51 -14.18
C ASN B 4 7.67 -27.25 -15.03
N GLY B 5 8.43 -28.31 -15.31
CA GLY B 5 9.66 -28.21 -16.09
C GLY B 5 10.87 -27.59 -15.38
N VAL B 6 10.76 -27.34 -14.09
CA VAL B 6 11.85 -26.77 -13.32
C VAL B 6 12.55 -27.85 -12.49
N GLU B 7 13.86 -27.97 -12.67
CA GLU B 7 14.68 -28.96 -11.97
C GLU B 7 14.68 -28.71 -10.46
N ILE B 8 14.34 -29.74 -9.69
CA ILE B 8 14.48 -29.69 -8.24
C ILE B 8 15.74 -30.47 -7.86
N GLU B 9 16.74 -29.76 -7.36
CA GLU B 9 17.99 -30.41 -6.97
C GLU B 9 17.77 -31.35 -5.79
N ASP B 10 18.42 -32.51 -5.85
CA ASP B 10 18.40 -33.46 -4.75
C ASP B 10 19.37 -33.00 -3.68
N THR B 11 18.95 -31.99 -2.90
CA THR B 11 19.73 -31.48 -1.79
C THR B 11 18.82 -31.16 -0.60
N PHE B 12 19.35 -30.45 0.38
CA PHE B 12 18.57 -30.13 1.57
C PHE B 12 18.90 -28.74 2.12
N ALA B 13 17.92 -28.16 2.80
CA ALA B 13 18.14 -26.96 3.62
C ALA B 13 18.59 -27.42 5.00
N GLU B 14 19.64 -26.79 5.53
CA GLU B 14 20.08 -27.06 6.89
C GLU B 14 19.64 -25.94 7.81
N ALA B 15 18.78 -26.27 8.76
CA ALA B 15 18.18 -25.29 9.65
C ALA B 15 18.54 -25.57 11.11
N PHE B 16 18.20 -24.62 11.98
CA PHE B 16 18.67 -24.62 13.36
C PHE B 16 17.52 -24.46 14.34
N GLU B 17 17.71 -25.00 15.55
CA GLU B 17 16.89 -24.63 16.69
C GLU B 17 17.11 -23.13 16.95
N ALA B 18 16.03 -22.43 17.31
CA ALA B 18 16.12 -21.02 17.68
C ALA B 18 14.93 -20.68 18.56
N LYS B 19 15.14 -19.75 19.50
CA LYS B 19 14.07 -19.31 20.37
C LYS B 19 13.17 -18.33 19.62
N MET B 20 11.87 -18.45 19.84
CA MET B 20 10.88 -17.63 19.14
C MET B 20 9.69 -17.23 19.99
N ALA B 21 9.20 -16.03 19.74
CA ALA B 21 7.94 -15.57 20.29
C ALA B 21 6.98 -15.22 19.16
N ARG B 22 5.70 -15.16 19.49
CA ARG B 22 4.66 -14.87 18.52
C ARG B 22 3.69 -13.92 19.20
N VAL B 23 3.52 -12.75 18.60
CA VAL B 23 2.78 -11.64 19.19
C VAL B 23 1.61 -11.28 18.27
N LEU B 24 0.45 -11.05 18.87
CA LEU B 24 -0.68 -10.48 18.15
C LEU B 24 -0.75 -8.98 18.41
N ILE B 25 -0.62 -8.19 17.35
CA ILE B 25 -0.80 -6.75 17.42
C ILE B 25 -2.18 -6.38 16.86
N THR B 26 -3.00 -5.73 17.67
CA THR B 26 -4.28 -5.21 17.19
C THR B 26 -4.22 -3.70 17.23
N ALA B 27 -5.09 -3.04 16.47
CA ALA B 27 -5.13 -1.59 16.41
C ALA B 27 -6.52 -1.17 15.94
N ALA B 28 -6.73 0.14 15.81
CA ALA B 28 -8.02 0.68 15.38
C ALA B 28 -8.42 0.18 13.99
N SER B 29 -7.42 -0.08 13.15
CA SER B 29 -7.63 -0.60 11.80
C SER B 29 -6.44 -1.46 11.38
N HIS B 30 -6.61 -2.22 10.30
CA HIS B 30 -5.51 -2.99 9.69
C HIS B 30 -4.33 -2.09 9.34
N LYS B 31 -4.62 -0.90 8.84
CA LYS B 31 -3.62 0.10 8.48
C LYS B 31 -2.71 0.46 9.66
N TRP B 32 -3.31 0.78 10.80
CA TRP B 32 -2.55 1.14 12.00
C TRP B 32 -1.86 -0.06 12.64
N ALA B 33 -2.45 -1.24 12.47
CA ALA B 33 -1.83 -2.49 12.93
C ALA B 33 -0.53 -2.71 12.15
N MET B 34 -0.60 -2.55 10.83
CA MET B 34 0.56 -2.70 9.95
C MET B 34 1.66 -1.66 10.20
N ILE B 35 1.26 -0.45 10.56
CA ILE B 35 2.19 0.62 10.95
C ILE B 35 3.11 0.15 12.09
N ALA B 36 2.49 -0.37 13.15
CA ALA B 36 3.20 -0.92 14.31
C ALA B 36 4.03 -2.15 13.92
N VAL B 37 3.45 -3.00 13.08
CA VAL B 37 4.08 -4.24 12.63
C VAL B 37 5.40 -4.00 11.89
N LYS B 38 5.37 -3.09 10.91
CA LYS B 38 6.54 -2.79 10.08
C LYS B 38 7.67 -2.21 10.93
N GLU B 39 7.32 -1.33 11.86
CA GLU B 39 8.28 -0.75 12.76
C GLU B 39 8.92 -1.81 13.66
N ALA B 40 8.09 -2.65 14.28
CA ALA B 40 8.54 -3.64 15.26
C ALA B 40 9.38 -4.77 14.65
N THR B 41 9.12 -5.11 13.40
CA THR B 41 9.80 -6.22 12.74
C THR B 41 10.95 -5.77 11.82
N GLY B 42 11.14 -4.46 11.68
CA GLY B 42 12.24 -3.92 10.86
C GLY B 42 13.60 -4.12 11.54
N PHE B 43 14.68 -3.79 10.83
CA PHE B 43 16.05 -4.04 11.29
C PHE B 43 16.13 -5.43 12.00
N GLY B 44 15.68 -6.45 11.28
CA GLY B 44 15.57 -7.81 11.81
C GLY B 44 15.53 -8.88 10.73
N THR B 45 16.52 -8.84 9.85
CA THR B 45 16.65 -9.84 8.78
C THR B 45 17.49 -11.03 9.21
N SER B 46 18.57 -10.74 9.93
CA SER B 46 19.57 -11.75 10.26
C SER B 46 20.30 -11.40 11.53
N VAL B 47 20.51 -12.39 12.40
CA VAL B 47 21.30 -12.18 13.61
C VAL B 47 22.80 -12.01 13.33
N ILE B 48 23.20 -12.10 12.05
CA ILE B 48 24.57 -11.81 11.66
C ILE B 48 24.98 -10.41 12.14
N MET B 49 24.20 -9.39 11.77
CA MET B 49 24.41 -8.03 12.26
C MET B 49 23.14 -7.25 12.62
N CYS B 50 21.99 -7.94 12.64
CA CYS B 50 20.75 -7.36 13.21
C CYS B 50 20.54 -7.88 14.63
N PRO B 51 19.78 -7.13 15.46
CA PRO B 51 19.45 -7.56 16.82
C PRO B 51 18.50 -8.76 16.94
N ALA B 52 17.80 -9.10 15.86
CA ALA B 52 16.86 -10.21 15.87
C ALA B 52 16.47 -10.64 14.45
N GLU B 53 15.69 -11.71 14.35
CA GLU B 53 15.05 -12.11 13.10
C GLU B 53 13.54 -12.03 13.30
N ALA B 54 12.90 -11.13 12.58
CA ALA B 54 11.49 -10.84 12.79
C ALA B 54 10.71 -10.72 11.47
N GLY B 55 9.41 -10.96 11.52
CA GLY B 55 8.58 -10.82 10.33
C GLY B 55 7.12 -11.03 10.63
N ILE B 56 6.28 -10.74 9.64
CA ILE B 56 4.85 -10.96 9.77
C ILE B 56 4.56 -12.45 9.61
N ASP B 57 3.69 -12.97 10.47
CA ASP B 57 3.14 -14.30 10.29
C ASP B 57 1.82 -14.23 9.51
N CYS B 58 0.73 -13.88 10.20
CA CYS B 58 -0.59 -13.72 9.57
C CYS B 58 -0.93 -12.25 9.39
N GLY B 59 -1.04 -11.82 8.14
CA GLY B 59 -1.29 -10.43 7.80
C GLY B 59 -2.67 -9.93 8.21
N TYR B 60 -3.63 -10.84 8.32
CA TYR B 60 -5.02 -10.48 8.63
C TYR B 60 -5.61 -11.40 9.70
N VAL B 61 -5.91 -10.83 10.86
CA VAL B 61 -6.63 -11.55 11.90
C VAL B 61 -8.01 -10.87 12.03
N PRO B 62 -9.09 -11.62 11.76
CA PRO B 62 -10.41 -10.98 11.88
C PRO B 62 -10.65 -10.39 13.27
N PRO B 63 -11.27 -9.19 13.34
CA PRO B 63 -11.63 -8.56 14.61
C PRO B 63 -12.41 -9.50 15.55
N GLU B 64 -13.24 -10.36 14.97
CA GLU B 64 -14.02 -11.28 15.79
C GLU B 64 -13.19 -12.41 16.44
N GLU B 65 -11.92 -12.52 16.08
CA GLU B 65 -11.02 -13.54 16.65
C GLU B 65 -9.95 -12.97 17.60
N THR B 66 -9.94 -11.65 17.76
CA THR B 66 -8.98 -10.99 18.67
C THR B 66 -9.63 -10.72 20.02
N PRO B 67 -8.83 -10.64 21.11
CA PRO B 67 -9.34 -10.44 22.48
C PRO B 67 -10.12 -9.13 22.68
N ASP B 68 -9.82 -8.12 21.86
CA ASP B 68 -10.42 -6.81 22.03
C ASP B 68 -11.44 -6.46 20.94
N GLY B 69 -11.64 -7.39 20.01
CA GLY B 69 -12.57 -7.17 18.92
C GLY B 69 -12.10 -6.20 17.84
N ARG B 70 -10.79 -6.00 17.75
CA ARG B 70 -10.22 -5.07 16.77
C ARG B 70 -9.35 -5.79 15.74
N PRO B 71 -9.16 -5.19 14.54
CA PRO B 71 -8.31 -5.81 13.51
C PRO B 71 -6.94 -6.16 14.04
N GLY B 72 -6.41 -7.32 13.65
CA GLY B 72 -5.11 -7.76 14.13
C GLY B 72 -4.16 -8.30 13.08
N VAL B 73 -2.89 -8.41 13.47
CA VAL B 73 -1.83 -8.96 12.63
C VAL B 73 -0.94 -9.74 13.58
N THR B 74 -0.48 -10.92 13.18
CA THR B 74 0.50 -11.63 14.02
C THR B 74 1.91 -11.56 13.48
N ILE B 75 2.86 -11.34 14.38
CA ILE B 75 4.26 -11.28 14.02
C ILE B 75 5.03 -12.34 14.82
N MET B 76 6.25 -12.65 14.37
CA MET B 76 7.14 -13.54 15.11
C MET B 76 8.52 -12.90 15.24
N ILE B 77 9.14 -13.06 16.40
CA ILE B 77 10.47 -12.52 16.68
C ILE B 77 11.34 -13.68 17.17
N GLY B 78 12.55 -13.78 16.64
CA GLY B 78 13.39 -14.93 16.92
C GLY B 78 14.84 -14.58 17.14
N HIS B 79 15.53 -15.43 17.90
CA HIS B 79 16.95 -15.28 18.16
C HIS B 79 17.53 -16.62 18.64
N ASN B 80 18.78 -16.88 18.27
CA ASN B 80 19.50 -18.07 18.75
C ASN B 80 19.68 -18.12 20.28
N ASP B 81 19.65 -16.96 20.92
CA ASP B 81 19.84 -16.86 22.38
C ASP B 81 18.56 -16.34 23.04
N GLU B 82 18.08 -17.06 24.06
CA GLU B 82 16.79 -16.74 24.69
C GLU B 82 16.78 -15.43 25.46
N ASP B 83 17.91 -15.11 26.10
CA ASP B 83 18.07 -13.87 26.84
C ASP B 83 18.05 -12.65 25.93
N GLU B 84 18.66 -12.77 24.76
CA GLU B 84 18.62 -11.70 23.76
C GLU B 84 17.23 -11.53 23.17
N LEU B 85 16.54 -12.65 22.97
CA LEU B 85 15.15 -12.64 22.51
C LEU B 85 14.23 -11.89 23.47
N LYS B 86 14.39 -12.16 24.77
CA LYS B 86 13.60 -11.47 25.79
C LYS B 86 13.88 -9.95 25.80
N GLU B 87 15.14 -9.58 25.59
CA GLU B 87 15.52 -8.19 25.42
C GLU B 87 14.84 -7.59 24.18
N GLN B 88 14.86 -8.34 23.09
CA GLN B 88 14.26 -7.89 21.82
C GLN B 88 12.75 -7.74 21.91
N LEU B 89 12.11 -8.60 22.69
CA LEU B 89 10.69 -8.50 22.94
C LEU B 89 10.36 -7.20 23.65
N LEU B 90 11.10 -6.90 24.72
CA LEU B 90 10.93 -5.69 25.51
C LEU B 90 11.13 -4.43 24.67
N ASP B 91 12.23 -4.42 23.91
CA ASP B 91 12.63 -3.27 23.09
C ASP B 91 11.64 -2.99 21.96
N ARG B 92 11.32 -4.02 21.18
CA ARG B 92 10.46 -3.86 20.03
C ARG B 92 9.01 -3.56 20.40
N ILE B 93 8.47 -4.26 21.40
CA ILE B 93 7.10 -3.96 21.86
C ILE B 93 7.04 -2.60 22.57
N GLY B 94 8.05 -2.31 23.40
CA GLY B 94 8.06 -1.07 24.18
C GLY B 94 8.38 0.18 23.38
N GLN B 95 9.20 0.04 22.33
CA GLN B 95 9.60 1.20 21.51
C GLN B 95 8.79 1.34 20.24
N CYS B 96 8.19 0.26 19.77
CA CYS B 96 7.59 0.25 18.44
C CYS B 96 6.10 -0.06 18.45
N VAL B 97 5.62 -0.73 19.50
CA VAL B 97 4.21 -1.06 19.57
C VAL B 97 3.53 -0.18 20.61
N MET B 98 4.20 0.05 21.74
CA MET B 98 3.66 0.95 22.75
C MET B 98 3.52 2.37 22.21
N THR B 99 4.50 2.79 21.40
CA THR B 99 4.51 4.13 20.81
C THR B 99 3.56 4.27 19.61
N ALA B 100 3.21 3.16 18.97
CA ALA B 100 2.37 3.18 17.78
C ALA B 100 0.92 3.53 18.08
N PRO B 101 0.32 4.45 17.31
CA PRO B 101 -1.07 4.82 17.55
C PRO B 101 -2.01 3.62 17.61
N THR B 102 -2.80 3.59 18.69
CA THR B 102 -3.88 2.61 18.95
C THR B 102 -3.51 1.13 19.15
N ALA B 103 -2.25 0.76 18.90
CA ALA B 103 -1.86 -0.66 18.92
C ALA B 103 -1.81 -1.28 20.31
N SER B 104 -2.25 -2.52 20.41
CA SER B 104 -2.14 -3.31 21.64
C SER B 104 -1.32 -4.55 21.30
N ALA B 105 -0.78 -5.22 22.32
CA ALA B 105 0.03 -6.41 22.09
C ALA B 105 -0.42 -7.57 22.96
N PHE B 106 -0.79 -8.68 22.32
CA PHE B 106 -1.23 -9.89 23.01
C PHE B 106 -0.37 -11.07 22.58
N ASP B 107 -0.20 -12.04 23.48
CA ASP B 107 0.50 -13.28 23.17
C ASP B 107 -0.26 -14.03 22.09
N ALA B 108 0.49 -14.61 21.15
CA ALA B 108 -0.10 -15.46 20.13
C ALA B 108 0.71 -16.74 19.94
N MET B 109 1.38 -17.18 21.00
CA MET B 109 2.11 -18.45 20.96
C MET B 109 1.12 -19.59 21.20
N PRO B 110 1.01 -20.53 20.25
CA PRO B 110 0.11 -21.68 20.43
C PRO B 110 0.41 -22.45 21.72
N GLU B 111 -0.64 -22.94 22.38
CA GLU B 111 -0.52 -23.68 23.65
C GLU B 111 0.53 -24.80 23.60
N ALA B 112 0.49 -25.58 22.52
CA ALA B 112 1.34 -26.76 22.35
C ALA B 112 2.82 -26.42 22.17
N GLU B 113 3.09 -25.23 21.65
CA GLU B 113 4.47 -24.81 21.35
C GLU B 113 5.14 -24.16 22.55
N LYS B 114 4.33 -23.60 23.45
CA LYS B 114 4.83 -22.90 24.62
C LYS B 114 5.75 -23.78 25.49
N GLU B 115 6.98 -23.32 25.66
CA GLU B 115 7.97 -24.03 26.47
C GLU B 115 8.36 -23.19 27.67
N ASP B 116 8.40 -21.88 27.45
CA ASP B 116 8.83 -20.91 28.44
C ASP B 116 7.88 -19.72 28.38
N GLU B 117 8.05 -18.76 29.28
CA GLU B 117 7.34 -17.49 29.16
C GLU B 117 8.17 -16.31 29.66
N ASP B 118 7.97 -15.17 29.02
CA ASP B 118 8.56 -13.92 29.48
C ASP B 118 7.44 -12.94 29.79
N ARG B 119 7.51 -12.35 30.97
CA ARG B 119 6.50 -11.38 31.40
C ARG B 119 6.81 -10.01 30.82
N VAL B 120 6.62 -9.88 29.51
CA VAL B 120 6.93 -8.63 28.81
C VAL B 120 5.98 -7.51 29.24
N GLY B 121 4.69 -7.81 29.32
CA GLY B 121 3.69 -6.84 29.78
C GLY B 121 3.99 -6.29 31.17
N TYR B 122 4.28 -7.19 32.11
CA TYR B 122 4.67 -6.81 33.47
C TYR B 122 5.89 -5.87 33.47
N LYS B 123 6.93 -6.27 32.73
CA LYS B 123 8.16 -5.48 32.64
C LYS B 123 7.93 -4.12 32.01
N LEU B 124 7.05 -4.05 31.01
CA LEU B 124 6.70 -2.78 30.36
C LEU B 124 5.86 -1.88 31.26
N SER B 125 5.02 -2.49 32.10
CA SER B 125 4.02 -1.78 32.89
C SER B 125 4.60 -0.71 33.82
N PHE B 126 5.87 -0.87 34.20
CA PHE B 126 6.58 0.11 35.02
C PHE B 126 6.72 1.48 34.36
N PHE B 127 6.56 1.52 33.03
CA PHE B 127 6.47 2.77 32.26
C PHE B 127 5.34 3.66 32.79
N GLY B 128 4.33 3.03 33.39
CA GLY B 128 3.19 3.73 34.00
C GLY B 128 3.55 4.48 35.28
N ASP B 129 4.76 4.27 35.78
CA ASP B 129 5.30 5.02 36.92
C ASP B 129 4.39 5.03 38.15
N GLY B 130 3.82 3.87 38.46
CA GLY B 130 2.91 3.73 39.60
C GLY B 130 1.44 3.77 39.23
N TYR B 131 1.14 4.25 38.02
CA TYR B 131 -0.24 4.42 37.58
C TYR B 131 -0.79 3.25 36.76
N GLN B 132 0.08 2.29 36.44
CA GLN B 132 -0.32 1.08 35.72
C GLN B 132 -1.29 0.22 36.54
N GLU B 133 -2.13 -0.53 35.82
CA GLU B 133 -3.16 -1.35 36.43
C GLU B 133 -3.28 -2.67 35.71
N GLU B 134 -3.38 -3.75 36.47
CA GLU B 134 -3.67 -5.07 35.92
C GLU B 134 -5.18 -5.23 35.76
N ASP B 135 -5.57 -6.00 34.75
CA ASP B 135 -6.97 -6.28 34.49
C ASP B 135 -7.07 -7.58 33.70
N GLU B 136 -8.28 -8.08 33.55
CA GLU B 136 -8.54 -9.22 32.69
C GLU B 136 -9.26 -8.75 31.45
N LEU B 137 -8.79 -9.20 30.28
CA LEU B 137 -9.44 -8.90 29.02
C LEU B 137 -9.64 -10.17 28.21
N ASP B 138 -10.90 -10.58 28.08
CA ASP B 138 -11.27 -11.78 27.34
C ASP B 138 -10.55 -13.03 27.87
N GLY B 139 -10.37 -13.09 29.19
CA GLY B 139 -9.71 -14.22 29.83
C GLY B 139 -8.21 -14.09 29.95
N ARG B 140 -7.65 -13.03 29.38
CA ARG B 140 -6.20 -12.77 29.44
C ARG B 140 -5.85 -11.78 30.54
N LYS B 141 -4.72 -12.03 31.20
CA LYS B 141 -4.15 -11.09 32.17
C LYS B 141 -3.39 -10.02 31.39
N VAL B 142 -3.87 -8.77 31.48
CA VAL B 142 -3.28 -7.65 30.78
C VAL B 142 -2.88 -6.51 31.71
N TRP B 143 -1.94 -5.69 31.27
CA TRP B 143 -1.62 -4.43 31.92
C TRP B 143 -2.15 -3.26 31.12
N LYS B 144 -2.88 -2.37 31.82
CA LYS B 144 -3.32 -1.10 31.28
C LYS B 144 -2.36 0.02 31.72
N ILE B 145 -1.55 0.49 30.76
CA ILE B 145 -0.48 1.46 30.99
C ILE B 145 -0.94 2.83 30.50
N PRO B 146 -1.00 3.82 31.41
CA PRO B 146 -1.48 5.14 31.01
C PRO B 146 -0.47 5.79 30.07
N VAL B 147 -0.96 6.24 28.93
CA VAL B 147 -0.12 6.93 27.95
C VAL B 147 -0.87 8.17 27.51
N VAL B 148 -0.18 9.09 26.87
CA VAL B 148 -0.77 10.37 26.48
C VAL B 148 -1.97 10.19 25.55
N GLU B 149 -1.96 9.11 24.76
CA GLU B 149 -3.08 8.75 23.87
C GLU B 149 -4.29 8.25 24.65
N GLY B 150 -4.03 7.67 25.81
CA GLY B 150 -5.07 7.04 26.63
C GLY B 150 -4.45 5.89 27.38
N GLU B 151 -4.51 4.70 26.79
CA GLU B 151 -3.97 3.50 27.41
C GLU B 151 -3.20 2.64 26.41
N PHE B 152 -2.17 1.94 26.90
CA PHE B 152 -1.53 0.86 26.15
C PHE B 152 -1.85 -0.46 26.85
N ILE B 153 -2.55 -1.34 26.13
CA ILE B 153 -2.91 -2.65 26.62
C ILE B 153 -1.89 -3.68 26.15
N VAL B 154 -1.23 -4.34 27.09
CA VAL B 154 -0.28 -5.41 26.79
C VAL B 154 -0.46 -6.61 27.72
N GLU B 155 -0.48 -7.82 27.15
CA GLU B 155 -0.62 -9.07 27.91
C GLU B 155 0.54 -9.23 28.89
N ASP B 156 0.24 -9.74 30.07
CA ASP B 156 1.23 -9.86 31.13
C ASP B 156 2.43 -10.68 30.66
N SER B 157 2.16 -11.82 30.04
CA SER B 157 3.23 -12.75 29.69
C SER B 157 3.10 -13.32 28.28
N PHE B 158 4.24 -13.62 27.67
CA PHE B 158 4.31 -14.12 26.30
C PHE B 158 5.07 -15.44 26.24
N GLY B 159 4.50 -16.41 25.54
CA GLY B 159 5.08 -17.74 25.45
C GLY B 159 6.27 -17.79 24.50
N ILE B 160 7.32 -18.48 24.94
CA ILE B 160 8.51 -18.68 24.12
C ILE B 160 8.67 -20.17 23.81
N THR B 161 9.04 -20.45 22.57
CA THR B 161 9.23 -21.81 22.08
C THR B 161 10.62 -21.98 21.49
N THR B 162 11.03 -23.23 21.28
CA THR B 162 12.20 -23.52 20.48
C THR B 162 11.67 -23.85 19.09
N GLY B 163 11.94 -22.96 18.13
CA GLY B 163 11.46 -23.11 16.76
C GLY B 163 12.56 -23.56 15.82
N VAL B 164 12.34 -23.33 14.53
CA VAL B 164 13.28 -23.77 13.50
C VAL B 164 13.65 -22.55 12.66
N ALA B 165 14.96 -22.25 12.60
CA ALA B 165 15.44 -21.10 11.85
C ALA B 165 16.38 -21.50 10.72
N GLY B 166 16.14 -20.93 9.54
CA GLY B 166 17.07 -21.06 8.43
C GLY B 166 16.62 -22.04 7.37
N GLY B 167 15.36 -22.49 7.45
CA GLY B 167 14.76 -23.21 6.34
C GLY B 167 14.97 -22.32 5.12
N ASN B 168 15.19 -22.93 3.96
CA ASN B 168 15.53 -22.12 2.79
C ASN B 168 15.44 -22.87 1.47
N PHE B 169 15.31 -22.12 0.38
CA PHE B 169 15.54 -22.64 -0.96
C PHE B 169 16.07 -21.53 -1.87
N TYR B 170 16.85 -21.92 -2.87
CA TYR B 170 17.38 -21.00 -3.87
C TYR B 170 16.54 -21.08 -5.12
N ILE B 171 16.27 -19.93 -5.73
CA ILE B 171 15.67 -19.87 -7.06
C ILE B 171 16.77 -19.46 -8.03
N MET B 172 17.04 -20.33 -8.99
CA MET B 172 18.02 -20.05 -10.03
C MET B 172 17.28 -19.74 -11.32
N ALA B 173 17.51 -18.53 -11.84
CA ALA B 173 16.70 -18.00 -12.94
C ALA B 173 17.57 -17.53 -14.10
N GLU B 174 16.95 -17.41 -15.27
CA GLU B 174 17.59 -16.94 -16.49
C GLU B 174 18.00 -15.45 -16.45
N SER B 175 17.40 -14.70 -15.52
CA SER B 175 17.68 -13.27 -15.37
C SER B 175 17.22 -12.80 -14.00
N GLN B 176 17.68 -11.62 -13.60
CA GLN B 176 17.21 -11.00 -12.35
C GLN B 176 15.68 -10.75 -12.33
N PRO B 177 15.13 -10.11 -13.39
CA PRO B 177 13.67 -9.90 -13.36
C PRO B 177 12.85 -11.19 -13.22
N ALA B 178 13.19 -12.24 -13.96
CA ALA B 178 12.55 -13.56 -13.80
C ALA B 178 12.73 -14.18 -12.41
N GLY B 179 13.92 -13.99 -11.83
CA GLY B 179 14.21 -14.50 -10.47
C GLY B 179 13.34 -13.83 -9.42
N LEU B 180 13.14 -12.51 -9.57
CA LEU B 180 12.39 -11.72 -8.62
C LEU B 180 10.88 -11.94 -8.71
N GLN B 181 10.38 -12.10 -9.94
CA GLN B 181 8.97 -12.42 -10.13
C GLN B 181 8.66 -13.78 -9.50
N ALA B 182 9.55 -14.75 -9.71
CA ALA B 182 9.41 -16.08 -9.10
C ALA B 182 9.45 -16.01 -7.58
N ALA B 183 10.41 -15.25 -7.06
CA ALA B 183 10.61 -15.11 -5.62
C ALA B 183 9.44 -14.41 -4.92
N GLU B 184 8.86 -13.39 -5.55
CA GLU B 184 7.69 -12.73 -4.95
C GLU B 184 6.46 -13.65 -4.91
N ALA B 185 6.26 -14.43 -5.96
CA ALA B 185 5.21 -15.46 -6.00
C ALA B 185 5.37 -16.47 -4.85
N ALA B 186 6.60 -16.93 -4.65
CA ALA B 186 6.93 -17.80 -3.49
C ALA B 186 6.52 -17.16 -2.16
N VAL B 187 6.85 -15.90 -1.96
CA VAL B 187 6.57 -15.22 -0.69
C VAL B 187 5.07 -15.01 -0.50
N ASP B 188 4.36 -14.72 -1.59
CA ASP B 188 2.90 -14.62 -1.52
C ASP B 188 2.32 -15.93 -0.97
N ALA B 189 2.89 -17.04 -1.40
CA ALA B 189 2.45 -18.37 -0.97
C ALA B 189 2.77 -18.61 0.49
N ILE B 190 3.98 -18.25 0.90
CA ILE B 190 4.43 -18.38 2.27
C ILE B 190 3.61 -17.53 3.24
N LYS B 191 3.06 -16.41 2.74
CA LYS B 191 2.15 -15.56 3.53
C LYS B 191 1.01 -16.37 4.17
N GLY B 192 0.50 -17.35 3.44
CA GLY B 192 -0.64 -18.16 3.90
C GLY B 192 -0.34 -19.30 4.86
N VAL B 193 0.94 -19.54 5.15
CA VAL B 193 1.36 -20.66 6.00
C VAL B 193 1.52 -20.17 7.44
N GLU B 194 0.57 -20.51 8.30
CA GLU B 194 0.60 -20.05 9.70
C GLU B 194 1.78 -20.64 10.45
N GLY B 195 2.38 -19.82 11.31
CA GLY B 195 3.54 -20.26 12.10
C GLY B 195 4.88 -20.14 11.39
N ALA B 196 4.88 -19.55 10.19
CA ALA B 196 6.13 -19.33 9.47
C ALA B 196 6.28 -17.89 8.97
N TYR B 197 7.51 -17.41 8.99
CA TYR B 197 7.83 -16.07 8.49
C TYR B 197 9.16 -16.02 7.73
N ALA B 198 9.29 -15.03 6.86
CA ALA B 198 10.51 -14.81 6.08
C ALA B 198 11.07 -13.43 6.43
N PRO B 199 12.14 -13.41 7.25
CA PRO B 199 12.66 -12.18 7.86
C PRO B 199 13.33 -11.16 6.92
N PHE B 200 13.79 -11.59 5.76
CA PHE B 200 14.50 -10.71 4.84
C PHE B 200 13.55 -9.74 4.12
N PRO B 201 14.10 -8.68 3.48
CA PRO B 201 13.26 -7.64 2.84
C PRO B 201 12.34 -8.20 1.76
N GLY B 202 11.04 -8.12 2.02
CA GLY B 202 10.03 -8.70 1.13
C GLY B 202 10.10 -10.21 1.16
N GLY B 203 10.82 -10.74 2.16
CA GLY B 203 10.99 -12.18 2.36
C GLY B 203 12.11 -12.77 1.52
N ILE B 204 12.82 -11.92 0.78
CA ILE B 204 13.76 -12.35 -0.25
C ILE B 204 15.20 -11.90 0.05
N VAL B 205 16.16 -12.81 -0.13
CA VAL B 205 17.58 -12.53 0.07
C VAL B 205 18.28 -12.36 -1.28
N ALA B 206 18.82 -11.19 -1.53
CA ALA B 206 19.56 -10.95 -2.77
C ALA B 206 21.06 -11.22 -2.60
N SER B 207 21.48 -11.40 -1.35
CA SER B 207 22.90 -11.55 -1.02
C SER B 207 23.16 -12.68 -0.02
N ALA B 208 22.84 -13.90 -0.45
CA ALA B 208 23.09 -15.10 0.35
C ALA B 208 24.55 -15.18 0.79
N SER B 209 24.75 -15.65 2.02
CA SER B 209 26.07 -15.69 2.63
C SER B 209 26.63 -17.11 2.79
N LYS B 210 27.95 -17.20 2.91
CA LYS B 210 28.61 -18.42 3.36
C LYS B 210 29.28 -18.10 4.69
N VAL B 211 29.58 -19.13 5.48
CA VAL B 211 30.20 -18.95 6.80
C VAL B 211 31.64 -18.49 6.63
N GLY B 212 32.02 -17.44 7.37
CA GLY B 212 33.37 -16.89 7.34
C GLY B 212 33.76 -16.30 5.99
N SER B 213 35.06 -16.14 5.77
CA SER B 213 35.56 -15.66 4.49
C SER B 213 36.91 -16.27 4.15
N LYS B 214 37.17 -16.43 2.85
N LYS B 214 37.18 -16.42 2.85
CA LYS B 214 38.40 -17.05 2.39
CA LYS B 214 38.39 -17.05 2.36
C LYS B 214 39.60 -16.11 2.47
C LYS B 214 39.60 -16.12 2.42
N GLN B 215 39.38 -14.84 2.13
CA GLN B 215 40.48 -13.87 2.04
C GLN B 215 40.72 -13.04 3.30
N TYR B 216 39.74 -13.02 4.21
CA TYR B 216 39.80 -12.18 5.42
C TYR B 216 39.53 -12.98 6.68
N ASP B 217 39.96 -12.45 7.83
CA ASP B 217 39.82 -13.15 9.11
C ASP B 217 39.02 -12.36 10.15
N PHE B 218 38.34 -11.31 9.70
CA PHE B 218 37.52 -10.49 10.58
C PHE B 218 36.03 -10.55 10.24
N LEU B 219 35.67 -11.39 9.28
CA LEU B 219 34.29 -11.49 8.81
C LEU B 219 33.57 -12.75 9.31
N PRO B 220 32.43 -12.57 9.99
CA PRO B 220 31.59 -13.71 10.40
C PRO B 220 31.02 -14.45 9.19
N ALA B 221 30.74 -13.70 8.11
CA ALA B 221 30.14 -14.23 6.89
C ALA B 221 30.59 -13.42 5.69
N SER B 222 30.45 -13.99 4.50
CA SER B 222 30.74 -13.28 3.25
C SER B 222 29.84 -13.81 2.13
N THR B 223 29.96 -13.22 0.94
CA THR B 223 29.14 -13.64 -0.19
C THR B 223 29.30 -15.13 -0.52
N ASN B 224 28.20 -15.77 -0.91
CA ASN B 224 28.26 -17.14 -1.42
C ASN B 224 28.72 -17.10 -2.88
N ASP B 225 30.03 -16.94 -3.06
CA ASP B 225 30.65 -16.75 -4.38
C ASP B 225 30.40 -17.91 -5.36
N ALA B 226 30.17 -19.11 -4.80
CA ALA B 226 29.82 -20.28 -5.60
C ALA B 226 28.58 -20.02 -6.44
N TYR B 227 27.68 -19.18 -5.91
CA TYR B 227 26.40 -18.89 -6.54
C TYR B 227 26.31 -17.46 -7.10
N CYS B 228 27.47 -16.81 -7.24
CA CYS B 228 27.55 -15.46 -7.79
C CYS B 228 27.79 -15.44 -9.30
N PRO B 229 26.79 -15.00 -10.09
CA PRO B 229 26.84 -14.97 -11.56
C PRO B 229 27.94 -14.12 -12.20
N THR B 230 28.45 -13.12 -11.50
CA THR B 230 29.55 -12.30 -12.01
C THR B 230 30.93 -12.83 -11.60
N VAL B 231 30.94 -13.86 -10.77
CA VAL B 231 32.18 -14.50 -10.35
C VAL B 231 32.58 -15.58 -11.37
N GLU B 232 33.79 -15.44 -11.90
CA GLU B 232 34.38 -16.28 -12.95
C GLU B 232 34.21 -17.79 -12.72
N ASP B 233 34.53 -18.24 -11.50
CA ASP B 233 34.61 -19.66 -11.17
C ASP B 233 33.37 -20.20 -10.44
N ASN B 234 32.22 -19.54 -10.62
CA ASN B 234 30.98 -19.95 -9.98
C ASN B 234 30.48 -21.34 -10.40
N GLU B 235 29.67 -21.96 -9.55
CA GLU B 235 29.16 -23.31 -9.78
C GLU B 235 27.71 -23.32 -10.27
N LEU B 236 27.35 -22.26 -10.99
CA LEU B 236 26.01 -22.10 -11.51
C LEU B 236 25.80 -22.85 -12.82
N PRO B 237 24.66 -23.54 -12.96
CA PRO B 237 24.23 -24.16 -14.23
C PRO B 237 24.27 -23.15 -15.36
N GLU B 238 24.49 -23.62 -16.59
CA GLU B 238 24.48 -22.72 -17.74
C GLU B 238 23.07 -22.17 -17.93
N GLY B 239 22.98 -20.89 -18.27
CA GLY B 239 21.69 -20.22 -18.44
C GLY B 239 21.14 -19.63 -17.16
N VAL B 240 21.89 -19.75 -16.07
CA VAL B 240 21.53 -19.13 -14.79
C VAL B 240 22.31 -17.81 -14.62
N LYS B 241 21.57 -16.71 -14.65
CA LYS B 241 22.14 -15.35 -14.58
C LYS B 241 21.81 -14.64 -13.27
N CYS B 242 20.90 -15.21 -12.48
CA CYS B 242 20.50 -14.64 -11.20
C CYS B 242 20.06 -15.70 -10.22
N VAL B 243 20.44 -15.53 -8.96
CA VAL B 243 20.00 -16.41 -7.89
C VAL B 243 19.37 -15.58 -6.76
N TYR B 244 18.20 -16.00 -6.29
CA TYR B 244 17.64 -15.46 -5.04
C TYR B 244 17.46 -16.59 -4.02
N GLU B 245 17.53 -16.25 -2.74
CA GLU B 245 17.25 -17.20 -1.68
C GLU B 245 16.03 -16.73 -0.90
N ILE B 246 15.16 -17.67 -0.53
CA ILE B 246 14.10 -17.40 0.44
C ILE B 246 14.48 -18.10 1.75
N VAL B 247 14.57 -17.33 2.83
CA VAL B 247 14.87 -17.89 4.16
C VAL B 247 13.63 -17.85 5.05
N ILE B 248 13.35 -18.98 5.69
CA ILE B 248 12.10 -19.19 6.41
C ILE B 248 12.39 -19.64 7.84
N ASN B 249 11.78 -18.94 8.80
CA ASN B 249 11.74 -19.38 10.20
C ASN B 249 10.31 -19.77 10.57
N GLY B 250 10.17 -20.69 11.52
CA GLY B 250 8.85 -21.17 11.90
C GLY B 250 8.77 -21.73 13.30
N LEU B 251 7.53 -21.89 13.77
CA LEU B 251 7.28 -22.44 15.12
C LEU B 251 7.82 -23.85 15.28
N ASN B 252 7.74 -24.63 14.21
CA ASN B 252 8.21 -26.02 14.21
C ASN B 252 8.71 -26.42 12.84
N GLU B 253 9.26 -27.63 12.73
CA GLU B 253 9.76 -28.12 11.44
C GLU B 253 8.66 -28.21 10.38
N GLU B 254 7.46 -28.64 10.79
CA GLU B 254 6.33 -28.79 9.86
C GLU B 254 5.89 -27.48 9.18
N ALA B 255 5.92 -26.38 9.94
CA ALA B 255 5.58 -25.05 9.41
C ALA B 255 6.61 -24.58 8.38
N VAL B 256 7.88 -24.84 8.66
CA VAL B 256 8.97 -24.50 7.73
C VAL B 256 8.90 -25.36 6.46
N LYS B 257 8.66 -26.66 6.63
CA LYS B 257 8.49 -27.59 5.50
C LYS B 257 7.35 -27.17 4.57
N GLU B 258 6.22 -26.78 5.16
CA GLU B 258 5.05 -26.35 4.39
C GLU B 258 5.32 -25.06 3.62
N ALA B 259 6.03 -24.13 4.26
CA ALA B 259 6.41 -22.86 3.66
C ALA B 259 7.40 -23.07 2.50
N MET B 260 8.32 -24.00 2.69
CA MET B 260 9.24 -24.41 1.62
C MET B 260 8.49 -25.08 0.48
N ARG B 261 7.55 -25.96 0.83
CA ARG B 261 6.75 -26.63 -0.18
C ARG B 261 5.92 -25.67 -1.05
N VAL B 262 5.09 -24.83 -0.43
CA VAL B 262 4.25 -23.92 -1.21
C VAL B 262 5.04 -22.80 -1.90
N GLY B 263 6.15 -22.39 -1.30
CA GLY B 263 7.06 -21.41 -1.90
C GLY B 263 7.61 -21.89 -3.23
N ILE B 264 8.21 -23.08 -3.23
CA ILE B 264 8.80 -23.66 -4.43
C ILE B 264 7.73 -23.91 -5.50
N GLU B 265 6.59 -24.45 -5.07
CA GLU B 265 5.48 -24.68 -6.00
C GLU B 265 5.08 -23.39 -6.71
N ALA B 266 4.98 -22.30 -5.95
CA ALA B 266 4.59 -21.00 -6.50
C ALA B 266 5.65 -20.41 -7.42
N ALA B 267 6.92 -20.53 -7.02
CA ALA B 267 8.04 -20.04 -7.83
C ALA B 267 8.12 -20.75 -9.20
N CYS B 268 7.88 -22.05 -9.20
CA CYS B 268 8.01 -22.88 -10.40
C CYS B 268 6.90 -22.64 -11.42
N GLN B 269 5.87 -21.88 -11.03
CA GLN B 269 4.80 -21.48 -11.95
C GLN B 269 5.18 -20.23 -12.74
N GLN B 270 6.21 -19.52 -12.28
CA GLN B 270 6.63 -18.28 -12.94
C GLN B 270 7.65 -18.58 -14.04
N PRO B 271 7.63 -17.79 -15.15
CA PRO B 271 8.52 -18.06 -16.28
C PRO B 271 9.99 -17.77 -16.01
N GLY B 272 10.86 -18.53 -16.66
CA GLY B 272 12.30 -18.24 -16.67
C GLY B 272 13.08 -18.81 -15.51
N VAL B 273 12.46 -19.72 -14.78
CA VAL B 273 13.12 -20.37 -13.63
C VAL B 273 13.81 -21.65 -14.12
N VAL B 274 15.11 -21.75 -13.84
CA VAL B 274 15.93 -22.85 -14.35
C VAL B 274 15.96 -24.04 -13.38
N LYS B 275 16.26 -23.78 -12.12
CA LYS B 275 16.24 -24.83 -11.10
C LYS B 275 16.05 -24.31 -9.69
N ILE B 276 15.71 -25.22 -8.79
CA ILE B 276 15.56 -24.94 -7.37
C ILE B 276 16.63 -25.69 -6.60
N SER B 277 17.34 -24.98 -5.73
CA SER B 277 18.34 -25.60 -4.87
C SER B 277 18.04 -25.22 -3.42
N ALA B 278 18.95 -25.57 -2.52
CA ALA B 278 18.82 -25.20 -1.12
C ALA B 278 20.20 -24.98 -0.53
N GLY B 279 20.27 -24.21 0.54
CA GLY B 279 21.53 -23.97 1.22
C GLY B 279 21.71 -24.82 2.46
N ASN B 280 22.86 -25.47 2.55
CA ASN B 280 23.20 -26.27 3.71
C ASN B 280 24.67 -26.14 4.08
N PHE B 281 25.08 -26.82 5.15
CA PHE B 281 26.44 -26.78 5.65
C PHE B 281 27.02 -28.19 5.73
N GLY B 282 26.55 -29.06 4.83
CA GLY B 282 26.96 -30.46 4.77
C GLY B 282 26.64 -31.24 6.04
N GLY B 283 25.55 -30.88 6.70
CA GLY B 283 25.08 -31.57 7.90
C GLY B 283 25.90 -31.37 9.16
N LYS B 284 26.90 -30.49 9.10
CA LYS B 284 27.86 -30.32 10.20
C LYS B 284 27.50 -29.24 11.23
N LEU B 285 26.39 -28.54 11.01
CA LEU B 285 26.06 -27.37 11.84
C LEU B 285 24.65 -27.41 12.45
N GLY B 286 23.64 -27.68 11.63
CA GLY B 286 22.25 -27.60 12.05
C GLY B 286 21.69 -28.75 12.85
N GLN B 287 20.42 -28.61 13.24
CA GLN B 287 19.69 -29.65 13.97
C GLN B 287 18.60 -30.24 13.08
N TYR B 288 18.38 -29.60 11.93
CA TYR B 288 17.35 -30.00 10.97
C TYR B 288 17.91 -30.06 9.57
N GLU B 289 17.46 -31.05 8.81
CA GLU B 289 17.74 -31.14 7.38
C GLU B 289 16.40 -31.36 6.70
N ILE B 290 16.02 -30.44 5.83
CA ILE B 290 14.79 -30.58 5.06
C ILE B 290 15.16 -30.85 3.61
N HIS B 291 14.96 -32.10 3.20
CA HIS B 291 15.33 -32.52 1.86
C HIS B 291 14.24 -32.13 0.87
N LEU B 292 14.65 -31.47 -0.20
CA LEU B 292 13.73 -30.96 -1.22
C LEU B 292 12.87 -32.04 -1.86
N HIS B 293 13.47 -33.19 -2.14
CA HIS B 293 12.75 -34.29 -2.79
C HIS B 293 11.69 -34.89 -1.88
N ASP B 294 11.88 -34.77 -0.57
CA ASP B 294 10.87 -35.22 0.40
C ASP B 294 9.59 -34.39 0.40
N LEU B 295 9.67 -33.14 -0.06
CA LEU B 295 8.55 -32.21 0.05
C LEU B 295 7.50 -32.43 -1.03
N PHE B 296 7.88 -33.14 -2.11
CA PHE B 296 7.03 -33.25 -3.30
C PHE B 296 6.70 -34.68 -3.69
N MET C 1 -30.93 -3.41 23.77
CA MET C 1 -29.71 -4.11 23.24
C MET C 1 -28.53 -3.17 22.99
N GLU C 2 -27.39 -3.49 23.58
CA GLU C 2 -26.20 -2.67 23.44
C GLU C 2 -24.96 -3.52 23.16
N ILE C 3 -24.07 -3.01 22.32
CA ILE C 3 -22.75 -3.63 22.15
C ILE C 3 -21.69 -2.63 22.57
N ASN C 4 -20.97 -2.96 23.65
CA ASN C 4 -19.93 -2.10 24.21
C ASN C 4 -20.44 -0.69 24.51
N GLY C 5 -21.73 -0.59 24.88
CA GLY C 5 -22.35 0.66 25.26
C GLY C 5 -23.04 1.38 24.12
N VAL C 6 -22.96 0.81 22.93
CA VAL C 6 -23.55 1.42 21.74
C VAL C 6 -24.95 0.87 21.53
N GLU C 7 -25.93 1.78 21.48
CA GLU C 7 -27.33 1.49 21.17
C GLU C 7 -27.42 0.79 19.81
N ILE C 8 -28.21 -0.28 19.73
CA ILE C 8 -28.55 -0.90 18.44
C ILE C 8 -30.05 -0.73 18.21
N GLU C 9 -30.42 0.16 17.30
CA GLU C 9 -31.82 0.45 17.02
C GLU C 9 -32.57 -0.82 16.60
N ASP C 10 -33.77 -0.99 17.14
CA ASP C 10 -34.64 -2.07 16.74
C ASP C 10 -35.32 -1.70 15.41
N THR C 11 -34.54 -1.79 14.34
CA THR C 11 -35.03 -1.52 12.98
C THR C 11 -34.45 -2.57 12.02
N PHE C 12 -34.60 -2.33 10.72
CA PHE C 12 -34.12 -3.28 9.72
C PHE C 12 -33.52 -2.61 8.50
N ALA C 13 -32.58 -3.31 7.86
CA ALA C 13 -32.09 -2.97 6.54
C ALA C 13 -33.05 -3.62 5.54
N GLU C 14 -33.46 -2.86 4.54
CA GLU C 14 -34.26 -3.42 3.45
C GLU C 14 -33.39 -3.54 2.20
N ALA C 15 -33.25 -4.78 1.73
CA ALA C 15 -32.36 -5.11 0.62
C ALA C 15 -33.11 -5.76 -0.54
N PHE C 16 -32.43 -5.91 -1.68
CA PHE C 16 -33.08 -6.28 -2.92
C PHE C 16 -32.36 -7.41 -3.64
N GLU C 17 -33.12 -8.17 -4.42
CA GLU C 17 -32.55 -9.10 -5.39
C GLU C 17 -31.73 -8.30 -6.40
N ALA C 18 -30.58 -8.83 -6.76
CA ALA C 18 -29.72 -8.22 -7.78
C ALA C 18 -28.92 -9.30 -8.47
N LYS C 19 -28.59 -9.10 -9.75
CA LYS C 19 -27.79 -10.08 -10.47
C LYS C 19 -26.33 -9.86 -10.17
N MET C 20 -25.61 -10.96 -9.95
CA MET C 20 -24.21 -10.90 -9.54
C MET C 20 -23.33 -11.95 -10.19
N ALA C 21 -22.10 -11.54 -10.47
CA ALA C 21 -21.06 -12.43 -10.92
C ALA C 21 -19.90 -12.37 -9.92
N ARG C 22 -19.05 -13.38 -9.94
CA ARG C 22 -17.91 -13.46 -9.04
C ARG C 22 -16.73 -13.98 -9.87
N VAL C 23 -15.62 -13.23 -9.83
CA VAL C 23 -14.47 -13.46 -10.71
C VAL C 23 -13.21 -13.65 -9.88
N LEU C 24 -12.45 -14.69 -10.21
CA LEU C 24 -11.12 -14.89 -9.61
C LEU C 24 -10.06 -14.31 -10.53
N ILE C 25 -9.36 -13.30 -10.06
CA ILE C 25 -8.25 -12.72 -10.81
C ILE C 25 -6.94 -13.27 -10.27
N THR C 26 -6.16 -13.91 -11.13
CA THR C 26 -4.82 -14.33 -10.73
C THR C 26 -3.78 -13.49 -11.50
N ALA C 27 -2.56 -13.42 -10.96
CA ALA C 27 -1.49 -12.63 -11.57
C ALA C 27 -0.15 -13.13 -11.06
N ALA C 28 0.94 -12.56 -11.55
CA ALA C 28 2.29 -12.99 -11.14
C ALA C 28 2.55 -12.77 -9.66
N SER C 29 1.88 -11.76 -9.09
CA SER C 29 1.96 -11.49 -7.65
C SER C 29 0.63 -10.94 -7.14
N HIS C 30 0.49 -10.86 -5.82
CA HIS C 30 -0.68 -10.22 -5.21
C HIS C 30 -0.75 -8.76 -5.66
N LYS C 31 0.41 -8.10 -5.77
CA LYS C 31 0.51 -6.70 -6.22
C LYS C 31 -0.14 -6.46 -7.58
N TRP C 32 0.19 -7.29 -8.57
CA TRP C 32 -0.37 -7.16 -9.91
C TRP C 32 -1.82 -7.59 -10.01
N ALA C 33 -2.21 -8.56 -9.19
CA ALA C 33 -3.62 -8.95 -9.09
C ALA C 33 -4.45 -7.77 -8.59
N MET C 34 -3.98 -7.10 -7.53
CA MET C 34 -4.67 -5.93 -7.00
C MET C 34 -4.74 -4.76 -7.98
N ILE C 35 -3.70 -4.59 -8.79
CA ILE C 35 -3.70 -3.63 -9.89
C ILE C 35 -4.90 -3.84 -10.82
N ALA C 36 -5.07 -5.06 -11.30
CA ALA C 36 -6.20 -5.41 -12.17
C ALA C 36 -7.52 -5.20 -11.43
N VAL C 37 -7.57 -5.69 -10.20
CA VAL C 37 -8.74 -5.60 -9.33
C VAL C 37 -9.27 -4.17 -9.13
N LYS C 38 -8.37 -3.25 -8.76
CA LYS C 38 -8.76 -1.86 -8.49
C LYS C 38 -9.30 -1.19 -9.76
N GLU C 39 -8.69 -1.49 -10.90
CA GLU C 39 -9.17 -0.97 -12.17
C GLU C 39 -10.55 -1.53 -12.53
N ALA C 40 -10.70 -2.85 -12.41
CA ALA C 40 -11.93 -3.55 -12.82
C ALA C 40 -13.12 -3.27 -11.91
N THR C 41 -12.86 -2.93 -10.65
CA THR C 41 -13.95 -2.71 -9.68
C THR C 41 -14.25 -1.22 -9.43
N GLY C 42 -13.44 -0.34 -10.02
CA GLY C 42 -13.60 1.11 -9.84
C GLY C 42 -14.79 1.63 -10.64
N PHE C 43 -15.14 2.89 -10.43
CA PHE C 43 -16.34 3.51 -11.02
C PHE C 43 -17.51 2.52 -10.92
N GLY C 44 -17.76 2.05 -9.70
CA GLY C 44 -18.77 1.01 -9.46
C GLY C 44 -19.21 1.01 -8.02
N THR C 45 -19.73 2.14 -7.57
CA THR C 45 -20.24 2.28 -6.21
C THR C 45 -21.75 2.00 -6.16
N SER C 46 -22.46 2.50 -7.17
CA SER C 46 -23.92 2.51 -7.16
C SER C 46 -24.43 2.57 -8.59
N VAL C 47 -25.49 1.82 -8.89
CA VAL C 47 -26.09 1.84 -10.23
C VAL C 47 -26.92 3.10 -10.48
N ILE C 48 -27.02 3.96 -9.47
CA ILE C 48 -27.66 5.27 -9.61
C ILE C 48 -27.00 6.07 -10.75
N MET C 49 -25.67 6.19 -10.71
CA MET C 49 -24.95 6.87 -11.80
C MET C 49 -23.65 6.18 -12.26
N CYS C 50 -23.31 5.03 -11.65
CA CYS C 50 -22.21 4.19 -12.13
C CYS C 50 -22.75 3.03 -12.97
N PRO C 51 -21.91 2.46 -13.86
CA PRO C 51 -22.34 1.36 -14.72
C PRO C 51 -22.58 0.03 -14.00
N ALA C 52 -22.08 -0.12 -12.78
CA ALA C 52 -22.26 -1.35 -11.99
C ALA C 52 -21.92 -1.11 -10.52
N GLU C 53 -22.19 -2.11 -9.70
CA GLU C 53 -21.74 -2.12 -8.30
C GLU C 53 -20.74 -3.25 -8.16
N ALA C 54 -19.50 -2.90 -7.84
CA ALA C 54 -18.41 -3.86 -7.87
C ALA C 54 -17.46 -3.66 -6.69
N GLY C 55 -16.74 -4.71 -6.32
CA GLY C 55 -15.80 -4.62 -5.20
C GLY C 55 -15.06 -5.92 -4.97
N ILE C 56 -14.03 -5.84 -4.13
CA ILE C 56 -13.23 -7.00 -3.74
C ILE C 56 -14.04 -7.85 -2.78
N ASP C 57 -14.04 -9.16 -3.02
CA ASP C 57 -14.57 -10.12 -2.07
C ASP C 57 -13.45 -10.66 -1.15
N CYS C 58 -12.61 -11.55 -1.68
CA CYS C 58 -11.48 -12.08 -0.93
C CYS C 58 -10.15 -11.48 -1.37
N GLY C 59 -9.49 -10.77 -0.46
CA GLY C 59 -8.23 -10.09 -0.76
C GLY C 59 -7.03 -10.99 -0.99
N TYR C 60 -7.10 -12.22 -0.46
CA TYR C 60 -6.00 -13.18 -0.59
C TYR C 60 -6.53 -14.58 -0.89
N VAL C 61 -6.25 -15.06 -2.10
CA VAL C 61 -6.42 -16.46 -2.41
C VAL C 61 -5.01 -17.03 -2.53
N PRO C 62 -4.69 -18.08 -1.76
CA PRO C 62 -3.36 -18.69 -1.85
C PRO C 62 -3.11 -19.30 -3.23
N PRO C 63 -1.87 -19.19 -3.74
CA PRO C 63 -1.48 -19.79 -5.02
C PRO C 63 -1.94 -21.25 -5.20
N GLU C 64 -1.79 -22.09 -4.17
CA GLU C 64 -2.17 -23.50 -4.28
C GLU C 64 -3.68 -23.77 -4.41
N GLU C 65 -4.50 -22.73 -4.17
CA GLU C 65 -5.95 -22.83 -4.30
C GLU C 65 -6.50 -22.20 -5.58
N THR C 66 -5.61 -21.82 -6.50
CA THR C 66 -6.01 -21.25 -7.80
C THR C 66 -5.74 -22.25 -8.94
N PRO C 67 -6.41 -22.08 -10.09
CA PRO C 67 -6.27 -23.00 -11.22
C PRO C 67 -4.86 -23.03 -11.83
N ASP C 68 -4.14 -21.93 -11.73
CA ASP C 68 -2.82 -21.79 -12.34
C ASP C 68 -1.68 -21.74 -11.34
N GLY C 69 -1.99 -21.95 -10.06
CA GLY C 69 -0.97 -21.93 -9.02
C GLY C 69 -0.36 -20.56 -8.74
N ARG C 70 -1.06 -19.51 -9.15
CA ARG C 70 -0.57 -18.13 -8.97
C ARG C 70 -1.42 -17.38 -7.95
N PRO C 71 -0.86 -16.34 -7.29
CA PRO C 71 -1.62 -15.54 -6.32
C PRO C 71 -2.92 -15.01 -6.91
N GLY C 72 -3.99 -15.04 -6.13
CA GLY C 72 -5.31 -14.63 -6.59
C GLY C 72 -6.06 -13.67 -5.69
N VAL C 73 -7.06 -13.01 -6.25
CA VAL C 73 -7.98 -12.13 -5.52
C VAL C 73 -9.36 -12.39 -6.14
N THR C 74 -10.42 -12.43 -5.34
CA THR C 74 -11.78 -12.52 -5.90
C THR C 74 -12.54 -11.21 -5.81
N ILE C 75 -13.28 -10.91 -6.88
CA ILE C 75 -14.10 -9.73 -6.96
C ILE C 75 -15.55 -10.11 -7.31
N MET C 76 -16.46 -9.19 -7.04
CA MET C 76 -17.85 -9.37 -7.38
C MET C 76 -18.34 -8.15 -8.14
N ILE C 77 -19.19 -8.39 -9.12
CA ILE C 77 -19.79 -7.33 -9.92
C ILE C 77 -21.30 -7.57 -9.92
N GLY C 78 -22.05 -6.53 -9.57
CA GLY C 78 -23.51 -6.64 -9.51
C GLY C 78 -24.23 -5.56 -10.30
N HIS C 79 -25.49 -5.86 -10.64
CA HIS C 79 -26.39 -4.93 -11.30
C HIS C 79 -27.82 -5.44 -11.18
N ASN C 80 -28.78 -4.53 -11.05
CA ASN C 80 -30.20 -4.91 -11.04
C ASN C 80 -30.69 -5.57 -12.34
N ASP C 81 -30.06 -5.21 -13.46
CA ASP C 81 -30.42 -5.77 -14.75
C ASP C 81 -29.38 -6.77 -15.23
N GLU C 82 -29.81 -7.98 -15.56
CA GLU C 82 -28.88 -9.06 -15.96
C GLU C 82 -28.13 -8.79 -17.25
N ASP C 83 -28.82 -8.23 -18.25
CA ASP C 83 -28.20 -7.85 -19.54
C ASP C 83 -27.09 -6.80 -19.35
N GLU C 84 -27.34 -5.82 -18.48
CA GLU C 84 -26.33 -4.82 -18.13
C GLU C 84 -25.16 -5.43 -17.38
N LEU C 85 -25.43 -6.39 -16.50
CA LEU C 85 -24.38 -7.14 -15.81
C LEU C 85 -23.45 -7.85 -16.79
N LYS C 86 -24.04 -8.55 -17.76
CA LYS C 86 -23.27 -9.25 -18.78
C LYS C 86 -22.37 -8.29 -19.57
N GLU C 87 -22.94 -7.15 -19.95
CA GLU C 87 -22.15 -6.11 -20.61
C GLU C 87 -21.00 -5.61 -19.72
N GLN C 88 -21.27 -5.47 -18.42
CA GLN C 88 -20.26 -5.01 -17.46
C GLN C 88 -19.15 -6.00 -17.25
N LEU C 89 -19.49 -7.29 -17.21
CA LEU C 89 -18.49 -8.36 -17.14
C LEU C 89 -17.54 -8.28 -18.33
N LEU C 90 -18.12 -8.18 -19.52
CA LEU C 90 -17.35 -8.10 -20.76
C LEU C 90 -16.43 -6.88 -20.78
N ASP C 91 -16.97 -5.73 -20.40
CA ASP C 91 -16.25 -4.45 -20.44
C ASP C 91 -15.12 -4.39 -19.40
N ARG C 92 -15.42 -4.82 -18.19
CA ARG C 92 -14.46 -4.78 -17.08
C ARG C 92 -13.34 -5.83 -17.20
N ILE C 93 -13.69 -7.06 -17.56
CA ILE C 93 -12.66 -8.07 -17.81
C ILE C 93 -11.86 -7.71 -19.08
N GLY C 94 -12.56 -7.36 -20.16
CA GLY C 94 -11.91 -7.04 -21.43
C GLY C 94 -10.98 -5.82 -21.44
N GLN C 95 -11.33 -4.82 -20.65
CA GLN C 95 -10.62 -3.54 -20.68
C GLN C 95 -9.70 -3.32 -19.48
N CYS C 96 -9.98 -4.01 -18.38
CA CYS C 96 -9.27 -3.77 -17.12
C CYS C 96 -8.50 -4.98 -16.60
N VAL C 97 -8.87 -6.18 -17.02
CA VAL C 97 -8.14 -7.38 -16.64
C VAL C 97 -7.31 -7.91 -17.80
N MET C 98 -7.90 -7.95 -18.99
CA MET C 98 -7.16 -8.39 -20.18
C MET C 98 -5.92 -7.52 -20.40
N THR C 99 -6.07 -6.22 -20.15
CA THR C 99 -5.04 -5.22 -20.37
C THR C 99 -4.00 -5.12 -19.23
N ALA C 100 -4.37 -5.62 -18.06
CA ALA C 100 -3.50 -5.57 -16.88
C ALA C 100 -2.38 -6.60 -16.97
N PRO C 101 -1.14 -6.18 -16.69
CA PRO C 101 -0.01 -7.12 -16.73
C PRO C 101 -0.26 -8.42 -15.97
N THR C 102 0.01 -9.56 -16.64
CA THR C 102 0.02 -10.91 -16.04
C THR C 102 -1.32 -11.49 -15.57
N ALA C 103 -2.38 -10.68 -15.52
CA ALA C 103 -3.64 -11.07 -14.90
C ALA C 103 -4.46 -12.05 -15.76
N SER C 104 -5.01 -13.08 -15.12
CA SER C 104 -5.93 -14.01 -15.74
C SER C 104 -7.30 -13.86 -15.05
N ALA C 105 -8.37 -14.29 -15.71
CA ALA C 105 -9.70 -14.23 -15.10
C ALA C 105 -10.41 -15.58 -15.16
N PHE C 106 -10.79 -16.10 -14.00
CA PHE C 106 -11.51 -17.38 -13.89
C PHE C 106 -12.85 -17.18 -13.17
N ASP C 107 -13.76 -18.12 -13.36
CA ASP C 107 -15.05 -18.07 -12.68
C ASP C 107 -14.86 -18.41 -11.21
N ALA C 108 -15.50 -17.64 -10.33
CA ALA C 108 -15.44 -17.91 -8.89
C ALA C 108 -16.84 -17.90 -8.27
N MET C 109 -17.84 -18.15 -9.11
CA MET C 109 -19.21 -18.30 -8.63
C MET C 109 -19.42 -19.73 -8.14
N PRO C 110 -19.79 -19.90 -6.84
CA PRO C 110 -20.01 -21.22 -6.26
C PRO C 110 -21.07 -21.97 -7.04
N GLU C 111 -20.89 -23.28 -7.18
CA GLU C 111 -21.78 -24.10 -8.00
C GLU C 111 -23.24 -23.97 -7.56
N ALA C 112 -23.48 -24.05 -6.25
CA ALA C 112 -24.81 -23.98 -5.68
C ALA C 112 -25.52 -22.65 -5.89
N GLU C 113 -24.77 -21.62 -6.29
CA GLU C 113 -25.33 -20.29 -6.48
C GLU C 113 -25.66 -20.02 -7.94
N LYS C 114 -25.05 -20.79 -8.84
CA LYS C 114 -25.18 -20.58 -10.27
C LYS C 114 -26.63 -20.76 -10.74
N GLU C 115 -27.12 -19.77 -11.47
CA GLU C 115 -28.44 -19.82 -12.08
C GLU C 115 -28.32 -19.69 -13.59
N ASP C 116 -27.45 -18.79 -14.03
CA ASP C 116 -27.24 -18.52 -15.45
C ASP C 116 -25.77 -18.58 -15.81
N GLU C 117 -25.50 -18.58 -17.11
CA GLU C 117 -24.14 -18.61 -17.61
C GLU C 117 -23.92 -17.41 -18.55
N ASP C 118 -22.71 -16.84 -18.47
CA ASP C 118 -22.30 -15.78 -19.39
C ASP C 118 -20.96 -16.15 -19.99
N ARG C 119 -20.96 -16.43 -21.29
CA ARG C 119 -19.75 -16.87 -21.99
C ARG C 119 -18.79 -15.71 -22.26
N VAL C 120 -18.30 -15.08 -21.18
CA VAL C 120 -17.42 -13.91 -21.28
C VAL C 120 -16.12 -14.22 -22.02
N GLY C 121 -15.44 -15.29 -21.59
CA GLY C 121 -14.17 -15.71 -22.20
C GLY C 121 -14.29 -16.12 -23.66
N TYR C 122 -15.41 -16.75 -24.01
CA TYR C 122 -15.73 -17.06 -25.40
C TYR C 122 -15.85 -15.78 -26.22
N LYS C 123 -16.60 -14.81 -25.68
CA LYS C 123 -16.84 -13.51 -26.32
C LYS C 123 -15.54 -12.71 -26.48
N LEU C 124 -14.68 -12.77 -25.47
CA LEU C 124 -13.38 -12.10 -25.48
C LEU C 124 -12.38 -12.77 -26.42
N SER C 125 -12.55 -14.07 -26.66
CA SER C 125 -11.61 -14.86 -27.48
C SER C 125 -11.42 -14.34 -28.90
N PHE C 126 -12.44 -13.67 -29.44
CA PHE C 126 -12.39 -13.13 -30.80
C PHE C 126 -11.36 -12.02 -30.99
N PHE C 127 -10.97 -11.38 -29.89
CA PHE C 127 -9.88 -10.42 -29.86
C PHE C 127 -8.59 -11.04 -30.43
N GLY C 128 -8.46 -12.35 -30.29
CA GLY C 128 -7.30 -13.10 -30.79
C GLY C 128 -7.20 -13.19 -32.30
N ASP C 129 -8.23 -12.68 -32.99
CA ASP C 129 -8.24 -12.54 -34.46
C ASP C 129 -7.91 -13.83 -35.21
N GLY C 130 -8.35 -14.95 -34.68
CA GLY C 130 -8.16 -16.25 -35.32
C GLY C 130 -7.09 -17.10 -34.65
N TYR C 131 -6.20 -16.44 -33.91
CA TYR C 131 -5.08 -17.12 -33.27
C TYR C 131 -5.40 -17.64 -31.87
N GLN C 132 -6.56 -17.24 -31.34
CA GLN C 132 -7.03 -17.73 -30.03
C GLN C 132 -7.22 -19.24 -30.06
N GLU C 133 -7.11 -19.84 -28.89
CA GLU C 133 -7.05 -21.28 -28.78
C GLU C 133 -7.70 -21.73 -27.47
N GLU C 134 -8.65 -22.65 -27.57
CA GLU C 134 -9.29 -23.22 -26.40
C GLU C 134 -8.39 -24.27 -25.76
N ASP C 135 -8.45 -24.37 -24.44
CA ASP C 135 -7.68 -25.36 -23.72
C ASP C 135 -8.40 -25.76 -22.44
N GLU C 136 -7.84 -26.71 -21.71
CA GLU C 136 -8.33 -27.10 -20.39
C GLU C 136 -7.27 -26.80 -19.34
N LEU C 137 -7.67 -26.15 -18.26
CA LEU C 137 -6.78 -25.80 -17.15
C LEU C 137 -7.39 -26.11 -15.80
N ASP C 138 -6.81 -27.11 -15.12
CA ASP C 138 -7.30 -27.58 -13.82
C ASP C 138 -8.79 -27.96 -13.88
N GLY C 139 -9.20 -28.51 -15.03
CA GLY C 139 -10.56 -28.97 -15.22
C GLY C 139 -11.49 -27.91 -15.78
N ARG C 140 -10.98 -26.70 -15.98
CA ARG C 140 -11.78 -25.61 -16.50
C ARG C 140 -11.53 -25.42 -17.98
N LYS C 141 -12.59 -25.02 -18.69
CA LYS C 141 -12.51 -24.68 -20.10
C LYS C 141 -12.08 -23.22 -20.22
N VAL C 142 -10.90 -23.00 -20.79
CA VAL C 142 -10.36 -21.66 -20.92
C VAL C 142 -9.99 -21.31 -22.35
N TRP C 143 -9.87 -20.01 -22.61
CA TRP C 143 -9.35 -19.51 -23.87
C TRP C 143 -8.01 -18.85 -23.65
N LYS C 144 -7.06 -19.19 -24.52
CA LYS C 144 -5.74 -18.57 -24.52
C LYS C 144 -5.69 -17.58 -25.66
N ILE C 145 -5.74 -16.29 -25.31
CA ILE C 145 -5.81 -15.20 -26.28
C ILE C 145 -4.42 -14.59 -26.44
N PRO C 146 -3.88 -14.60 -27.68
CA PRO C 146 -2.55 -14.05 -27.91
C PRO C 146 -2.56 -12.56 -27.70
N VAL C 147 -1.65 -12.06 -26.88
CA VAL C 147 -1.53 -10.63 -26.59
C VAL C 147 -0.06 -10.28 -26.62
N VAL C 148 0.25 -9.00 -26.74
CA VAL C 148 1.64 -8.57 -26.89
C VAL C 148 2.55 -9.03 -25.75
N GLU C 149 1.97 -9.12 -24.54
CA GLU C 149 2.68 -9.62 -23.37
C GLU C 149 3.01 -11.11 -23.48
N GLY C 150 2.13 -11.83 -24.16
CA GLY C 150 2.21 -13.29 -24.24
C GLY C 150 0.82 -13.85 -24.49
N GLU C 151 0.12 -14.22 -23.43
CA GLU C 151 -1.25 -14.72 -23.54
C GLU C 151 -2.14 -14.18 -22.44
N PHE C 152 -3.41 -13.97 -22.77
CA PHE C 152 -4.45 -13.74 -21.76
C PHE C 152 -5.27 -15.01 -21.58
N ILE C 153 -5.30 -15.52 -20.34
CA ILE C 153 -6.08 -16.70 -20.00
C ILE C 153 -7.41 -16.28 -19.36
N VAL C 154 -8.51 -16.70 -19.97
CA VAL C 154 -9.84 -16.39 -19.45
C VAL C 154 -10.79 -17.60 -19.59
N GLU C 155 -11.50 -17.91 -18.50
CA GLU C 155 -12.44 -19.04 -18.49
C GLU C 155 -13.54 -18.80 -19.52
N ASP C 156 -13.91 -19.84 -20.26
CA ASP C 156 -14.95 -19.73 -21.30
C ASP C 156 -16.20 -19.03 -20.77
N SER C 157 -16.69 -19.48 -19.63
CA SER C 157 -17.97 -18.98 -19.12
C SER C 157 -17.97 -18.72 -17.60
N PHE C 158 -18.74 -17.71 -17.21
CA PHE C 158 -18.85 -17.27 -15.82
C PHE C 158 -20.31 -17.42 -15.35
N GLY C 159 -20.50 -17.89 -14.12
CA GLY C 159 -21.84 -18.11 -13.59
C GLY C 159 -22.45 -16.83 -13.04
N ILE C 160 -23.76 -16.70 -13.21
CA ILE C 160 -24.51 -15.55 -12.70
C ILE C 160 -25.57 -16.04 -11.71
N THR C 161 -25.71 -15.29 -10.61
CA THR C 161 -26.68 -15.62 -9.58
C THR C 161 -27.62 -14.43 -9.31
N THR C 162 -28.76 -14.72 -8.70
CA THR C 162 -29.55 -13.66 -8.10
C THR C 162 -29.02 -13.51 -6.68
N GLY C 163 -28.28 -12.44 -6.43
CA GLY C 163 -27.73 -12.18 -5.11
C GLY C 163 -28.60 -11.20 -4.36
N VAL C 164 -27.96 -10.50 -3.41
CA VAL C 164 -28.64 -9.53 -2.58
C VAL C 164 -27.84 -8.22 -2.61
N ALA C 165 -28.55 -7.12 -2.87
CA ALA C 165 -27.94 -5.79 -2.84
C ALA C 165 -28.67 -4.84 -1.90
N GLY C 166 -27.90 -4.02 -1.18
CA GLY C 166 -28.47 -2.95 -0.37
C GLY C 166 -28.57 -3.25 1.11
N GLY C 167 -27.96 -4.34 1.54
CA GLY C 167 -27.79 -4.58 2.96
C GLY C 167 -26.99 -3.41 3.49
N ASN C 168 -27.29 -2.96 4.71
CA ASN C 168 -26.69 -1.73 5.21
C ASN C 168 -26.80 -1.55 6.71
N PHE C 169 -25.97 -0.68 7.25
CA PHE C 169 -26.20 -0.10 8.56
C PHE C 169 -25.60 1.30 8.64
N TYR C 170 -26.12 2.11 9.57
CA TYR C 170 -25.60 3.44 9.80
C TYR C 170 -24.80 3.46 11.07
N ILE C 171 -23.67 4.15 11.03
CA ILE C 171 -22.85 4.39 12.22
C ILE C 171 -23.04 5.83 12.60
N MET C 172 -23.64 6.06 13.76
CA MET C 172 -23.88 7.39 14.29
C MET C 172 -22.87 7.68 15.40
N ALA C 173 -21.99 8.63 15.16
CA ALA C 173 -20.90 8.92 16.10
C ALA C 173 -20.91 10.36 16.59
N GLU C 174 -20.11 10.60 17.63
CA GLU C 174 -19.96 11.91 18.26
C GLU C 174 -19.22 12.94 17.39
N SER C 175 -18.47 12.45 16.41
CA SER C 175 -17.71 13.30 15.51
C SER C 175 -17.41 12.56 14.21
N GLN C 176 -17.00 13.31 13.19
CA GLN C 176 -16.54 12.71 11.93
C GLN C 176 -15.33 11.76 12.13
N PRO C 177 -14.24 12.23 12.76
CA PRO C 177 -13.15 11.29 13.00
C PRO C 177 -13.56 9.99 13.71
N ALA C 178 -14.44 10.09 14.70
CA ALA C 178 -14.89 8.91 15.45
C ALA C 178 -15.69 7.97 14.57
N GLY C 179 -16.55 8.56 13.73
CA GLY C 179 -17.38 7.78 12.83
C GLY C 179 -16.56 7.02 11.80
N LEU C 180 -15.53 7.67 11.27
CA LEU C 180 -14.70 7.09 10.22
C LEU C 180 -13.79 5.99 10.78
N GLN C 181 -13.28 6.18 11.98
CA GLN C 181 -12.50 5.12 12.64
C GLN C 181 -13.38 3.88 12.84
N ALA C 182 -14.61 4.08 13.29
CA ALA C 182 -15.52 2.96 13.51
C ALA C 182 -15.89 2.29 12.19
N ALA C 183 -16.15 3.11 11.17
CA ALA C 183 -16.52 2.63 9.83
C ALA C 183 -15.42 1.80 9.17
N GLU C 184 -14.15 2.17 9.35
CA GLU C 184 -13.06 1.42 8.74
C GLU C 184 -12.80 0.07 9.43
N ALA C 185 -12.92 0.05 10.77
CA ALA C 185 -12.92 -1.20 11.53
C ALA C 185 -14.03 -2.15 11.04
N ALA C 186 -15.21 -1.60 10.80
CA ALA C 186 -16.31 -2.37 10.23
C ALA C 186 -15.90 -3.00 8.89
N VAL C 187 -15.32 -2.18 8.01
CA VAL C 187 -14.93 -2.64 6.67
C VAL C 187 -13.85 -3.71 6.76
N ASP C 188 -12.91 -3.55 7.70
CA ASP C 188 -11.90 -4.57 7.95
C ASP C 188 -12.54 -5.91 8.27
N ALA C 189 -13.60 -5.88 9.09
CA ALA C 189 -14.37 -7.07 9.44
C ALA C 189 -15.07 -7.66 8.22
N ILE C 190 -15.66 -6.80 7.40
CA ILE C 190 -16.42 -7.24 6.22
C ILE C 190 -15.53 -7.88 5.17
N LYS C 191 -14.26 -7.46 5.14
CA LYS C 191 -13.23 -8.07 4.29
C LYS C 191 -13.21 -9.58 4.45
N GLY C 192 -13.23 -10.05 5.70
CA GLY C 192 -13.13 -11.47 6.01
C GLY C 192 -14.35 -12.31 5.70
N VAL C 193 -15.45 -11.70 5.28
CA VAL C 193 -16.70 -12.43 5.01
C VAL C 193 -16.81 -12.83 3.54
N GLU C 194 -16.66 -14.11 3.26
CA GLU C 194 -16.70 -14.58 1.87
C GLU C 194 -18.08 -14.40 1.24
N GLY C 195 -18.09 -13.88 0.03
CA GLY C 195 -19.34 -13.73 -0.73
C GLY C 195 -20.08 -12.44 -0.47
N ALA C 196 -19.46 -11.54 0.30
CA ALA C 196 -20.00 -10.20 0.51
C ALA C 196 -18.97 -9.15 0.12
N TYR C 197 -19.44 -8.02 -0.43
CA TYR C 197 -18.56 -6.90 -0.75
C TYR C 197 -19.23 -5.56 -0.43
N ALA C 198 -18.42 -4.53 -0.22
CA ALA C 198 -18.92 -3.17 0.03
C ALA C 198 -18.45 -2.26 -1.11
N PRO C 199 -19.35 -1.93 -2.05
CA PRO C 199 -18.98 -1.26 -3.30
C PRO C 199 -18.53 0.21 -3.21
N PHE C 200 -18.87 0.92 -2.14
CA PHE C 200 -18.53 2.34 -2.01
C PHE C 200 -17.03 2.56 -1.67
N PRO C 201 -16.53 3.80 -1.82
CA PRO C 201 -15.08 4.03 -1.64
C PRO C 201 -14.59 3.65 -0.23
N GLY C 202 -13.66 2.71 -0.18
CA GLY C 202 -13.19 2.13 1.09
C GLY C 202 -14.29 1.40 1.85
N GLY C 203 -15.39 1.12 1.15
CA GLY C 203 -16.53 0.40 1.72
C GLY C 203 -17.58 1.27 2.39
N ILE C 204 -17.30 2.58 2.44
CA ILE C 204 -18.06 3.54 3.25
C ILE C 204 -18.79 4.59 2.39
N VAL C 205 -20.06 4.86 2.74
CA VAL C 205 -20.85 5.93 2.12
C VAL C 205 -20.82 7.18 3.00
N ALA C 206 -20.24 8.26 2.49
CA ALA C 206 -20.21 9.52 3.23
C ALA C 206 -21.47 10.35 2.96
N SER C 207 -22.23 9.96 1.93
CA SER C 207 -23.38 10.73 1.45
C SER C 207 -24.57 9.83 1.11
N ALA C 208 -25.15 9.24 2.16
CA ALA C 208 -26.35 8.40 2.02
C ALA C 208 -27.50 9.15 1.37
N SER C 209 -28.28 8.43 0.57
CA SER C 209 -29.37 9.00 -0.22
C SER C 209 -30.74 8.42 0.11
N LYS C 210 -31.77 9.14 -0.32
CA LYS C 210 -33.15 8.68 -0.33
C LYS C 210 -33.64 8.58 -1.77
N VAL C 211 -34.75 7.87 -1.97
CA VAL C 211 -35.35 7.75 -3.30
C VAL C 211 -35.95 9.08 -3.71
N GLY C 212 -35.63 9.52 -4.93
CA GLY C 212 -36.14 10.77 -5.47
C GLY C 212 -35.66 12.02 -4.75
N SER C 213 -36.48 13.06 -4.81
CA SER C 213 -36.16 14.36 -4.23
C SER C 213 -37.45 15.11 -3.93
N LYS C 214 -37.45 15.83 -2.81
CA LYS C 214 -38.58 16.67 -2.41
C LYS C 214 -38.74 17.89 -3.32
N GLN C 215 -37.62 18.37 -3.87
CA GLN C 215 -37.61 19.62 -4.61
C GLN C 215 -37.42 19.52 -6.12
N TYR C 216 -36.71 18.47 -6.57
CA TYR C 216 -36.30 18.36 -7.97
C TYR C 216 -36.77 17.08 -8.66
N ASP C 217 -37.68 17.24 -9.61
CA ASP C 217 -38.32 16.09 -10.27
C ASP C 217 -37.46 15.40 -11.33
N PHE C 218 -36.24 15.90 -11.53
CA PHE C 218 -35.30 15.31 -12.48
C PHE C 218 -34.29 14.37 -11.82
N LEU C 219 -34.44 14.17 -10.50
CA LEU C 219 -33.50 13.38 -9.70
C LEU C 219 -34.06 12.01 -9.32
N PRO C 220 -33.28 10.94 -9.56
CA PRO C 220 -33.64 9.60 -9.08
C PRO C 220 -33.30 9.38 -7.60
N ALA C 221 -32.42 10.24 -7.07
CA ALA C 221 -31.98 10.18 -5.68
C ALA C 221 -31.49 11.55 -5.23
N SER C 222 -31.54 11.78 -3.91
CA SER C 222 -31.02 13.00 -3.31
C SER C 222 -30.52 12.71 -1.90
N THR C 223 -30.07 13.74 -1.20
CA THR C 223 -29.49 13.54 0.13
C THR C 223 -30.55 13.06 1.14
N ASN C 224 -30.13 12.14 1.99
CA ASN C 224 -30.92 11.73 3.15
C ASN C 224 -30.82 12.82 4.25
N ASP C 225 -31.64 13.86 4.10
CA ASP C 225 -31.58 15.08 4.93
C ASP C 225 -31.86 14.88 6.43
N ALA C 226 -32.65 13.85 6.76
CA ALA C 226 -32.98 13.53 8.14
C ALA C 226 -31.75 13.11 8.95
N TYR C 227 -30.71 12.67 8.26
CA TYR C 227 -29.46 12.21 8.89
C TYR C 227 -28.24 13.12 8.63
N CYS C 228 -28.49 14.31 8.09
CA CYS C 228 -27.46 15.30 7.86
C CYS C 228 -27.30 16.17 9.12
N PRO C 229 -26.11 16.13 9.77
CA PRO C 229 -25.91 16.91 10.99
C PRO C 229 -25.93 18.43 10.81
N THR C 230 -25.69 18.92 9.60
CA THR C 230 -25.74 20.37 9.35
C THR C 230 -27.13 20.88 8.98
N VAL C 231 -28.04 19.97 8.62
CA VAL C 231 -29.45 20.30 8.30
C VAL C 231 -30.23 20.60 9.58
N GLU C 232 -30.96 21.73 9.57
CA GLU C 232 -31.60 22.27 10.77
C GLU C 232 -32.63 21.32 11.41
N ASP C 233 -33.61 20.89 10.62
CA ASP C 233 -34.70 20.03 11.12
C ASP C 233 -34.41 18.53 10.97
N ASN C 234 -33.17 18.12 11.21
CA ASN C 234 -32.78 16.71 11.10
C ASN C 234 -33.33 15.85 12.23
N GLU C 235 -33.38 14.53 12.00
CA GLU C 235 -33.89 13.57 12.98
C GLU C 235 -32.77 12.81 13.69
N LEU C 236 -31.64 13.49 13.90
CA LEU C 236 -30.48 12.87 14.53
C LEU C 236 -30.54 13.01 16.04
N PRO C 237 -30.11 11.97 16.77
CA PRO C 237 -30.03 12.12 18.21
C PRO C 237 -29.07 13.26 18.51
N GLU C 238 -29.34 13.98 19.60
CA GLU C 238 -28.35 14.92 20.07
C GLU C 238 -27.08 14.15 20.36
N GLY C 239 -25.94 14.82 20.24
CA GLY C 239 -24.66 14.15 20.48
C GLY C 239 -24.12 13.44 19.26
N VAL C 240 -24.98 13.25 18.25
CA VAL C 240 -24.54 12.70 16.96
C VAL C 240 -24.16 13.83 16.01
N LYS C 241 -22.86 13.93 15.70
CA LYS C 241 -22.34 14.97 14.82
C LYS C 241 -21.87 14.43 13.46
N CYS C 242 -21.94 13.11 13.29
CA CYS C 242 -21.59 12.47 12.02
C CYS C 242 -22.29 11.12 11.83
N VAL C 243 -22.72 10.86 10.61
CA VAL C 243 -23.31 9.57 10.24
C VAL C 243 -22.56 9.00 9.02
N TYR C 244 -22.15 7.75 9.11
CA TYR C 244 -21.68 6.99 7.95
C TYR C 244 -22.60 5.82 7.66
N GLU C 245 -22.72 5.45 6.39
CA GLU C 245 -23.42 4.24 6.02
C GLU C 245 -22.46 3.23 5.42
N ILE C 246 -22.63 1.96 5.79
CA ILE C 246 -21.95 0.86 5.14
C ILE C 246 -22.97 0.09 4.31
N VAL C 247 -22.77 0.04 3.01
CA VAL C 247 -23.64 -0.69 2.10
C VAL C 247 -22.97 -2.00 1.65
N ILE C 248 -23.72 -3.10 1.75
CA ILE C 248 -23.18 -4.42 1.48
C ILE C 248 -24.04 -5.15 0.45
N ASN C 249 -23.37 -5.70 -0.56
CA ASN C 249 -24.00 -6.65 -1.48
C ASN C 249 -23.37 -8.03 -1.26
N GLY C 250 -24.10 -9.08 -1.62
CA GLY C 250 -23.59 -10.43 -1.45
C GLY C 250 -24.23 -11.48 -2.34
N LEU C 251 -23.62 -12.66 -2.38
CA LEU C 251 -24.13 -13.80 -3.16
C LEU C 251 -25.50 -14.26 -2.69
N ASN C 252 -25.77 -14.14 -1.40
CA ASN C 252 -27.04 -14.56 -0.81
C ASN C 252 -27.32 -13.73 0.43
N GLU C 253 -28.48 -13.92 1.05
CA GLU C 253 -28.86 -13.14 2.23
C GLU C 253 -27.94 -13.45 3.41
N GLU C 254 -27.47 -14.69 3.52
CA GLU C 254 -26.61 -15.05 4.64
C GLU C 254 -25.27 -14.30 4.63
N ALA C 255 -24.69 -14.11 3.45
CA ALA C 255 -23.44 -13.36 3.33
C ALA C 255 -23.65 -11.91 3.74
N VAL C 256 -24.76 -11.33 3.29
CA VAL C 256 -25.09 -9.95 3.64
C VAL C 256 -25.31 -9.80 5.15
N LYS C 257 -26.14 -10.67 5.73
CA LYS C 257 -26.38 -10.72 7.19
C LYS C 257 -25.08 -10.85 7.98
N GLU C 258 -24.20 -11.74 7.52
CA GLU C 258 -22.93 -11.99 8.22
C GLU C 258 -22.03 -10.76 8.18
N ALA C 259 -21.94 -10.12 7.01
CA ALA C 259 -21.16 -8.90 6.86
C ALA C 259 -21.71 -7.77 7.76
N MET C 260 -23.04 -7.66 7.81
CA MET C 260 -23.70 -6.73 8.71
C MET C 260 -23.36 -7.01 10.17
N ARG C 261 -23.45 -8.28 10.57
CA ARG C 261 -23.15 -8.68 11.95
C ARG C 261 -21.72 -8.34 12.39
N VAL C 262 -20.73 -8.82 11.65
CA VAL C 262 -19.32 -8.59 12.02
C VAL C 262 -18.89 -7.12 11.87
N GLY C 263 -19.47 -6.43 10.89
CA GLY C 263 -19.23 -5.00 10.67
C GLY C 263 -19.70 -4.14 11.82
N ILE C 264 -20.92 -4.40 12.29
CA ILE C 264 -21.47 -3.69 13.45
C ILE C 264 -20.65 -3.98 14.72
N GLU C 265 -20.32 -5.25 14.95
CA GLU C 265 -19.55 -5.63 16.14
C GLU C 265 -18.20 -4.92 16.19
N ALA C 266 -17.47 -4.92 15.07
CA ALA C 266 -16.22 -4.19 14.94
C ALA C 266 -16.34 -2.69 15.13
N ALA C 267 -17.36 -2.08 14.51
CA ALA C 267 -17.65 -0.66 14.69
C ALA C 267 -17.84 -0.28 16.16
N CYS C 268 -18.62 -1.09 16.88
CA CYS C 268 -18.97 -0.82 18.28
C CYS C 268 -17.79 -0.88 19.27
N GLN C 269 -16.66 -1.45 18.84
CA GLN C 269 -15.46 -1.52 19.68
C GLN C 269 -14.63 -0.23 19.63
N GLN C 270 -14.95 0.62 18.65
CA GLN C 270 -14.23 1.88 18.46
C GLN C 270 -14.91 3.03 19.22
N PRO C 271 -14.11 3.95 19.80
CA PRO C 271 -14.66 5.00 20.67
C PRO C 271 -15.51 6.05 19.96
N GLY C 272 -16.49 6.61 20.67
CA GLY C 272 -17.22 7.77 20.17
C GLY C 272 -18.42 7.44 19.32
N VAL C 273 -18.78 6.16 19.29
CA VAL C 273 -19.97 5.71 18.58
C VAL C 273 -21.16 5.79 19.51
N VAL C 274 -22.24 6.42 19.05
CA VAL C 274 -23.45 6.65 19.85
C VAL C 274 -24.46 5.53 19.64
N LYS C 275 -24.79 5.27 18.37
CA LYS C 275 -25.74 4.21 18.03
C LYS C 275 -25.54 3.64 16.63
N ILE C 276 -26.19 2.50 16.40
CA ILE C 276 -26.23 1.85 15.10
C ILE C 276 -27.67 1.81 14.63
N SER C 277 -27.89 2.20 13.37
CA SER C 277 -29.20 2.15 12.75
C SER C 277 -29.09 1.42 11.40
N ALA C 278 -30.15 1.49 10.61
CA ALA C 278 -30.18 0.86 9.30
C ALA C 278 -31.24 1.55 8.46
N GLY C 279 -31.07 1.46 7.14
CA GLY C 279 -31.97 2.14 6.22
C GLY C 279 -32.94 1.16 5.59
N ASN C 280 -34.21 1.53 5.59
CA ASN C 280 -35.22 0.74 4.94
C ASN C 280 -36.26 1.61 4.23
N PHE C 281 -37.20 0.97 3.56
CA PHE C 281 -38.25 1.68 2.83
C PHE C 281 -39.60 1.28 3.40
N GLY C 282 -39.63 1.07 4.71
CA GLY C 282 -40.85 0.71 5.44
C GLY C 282 -41.25 -0.76 5.34
N GLY C 283 -40.38 -1.56 4.76
CA GLY C 283 -40.66 -2.99 4.53
C GLY C 283 -41.70 -3.22 3.47
N LYS C 284 -41.92 -2.22 2.61
CA LYS C 284 -43.00 -2.23 1.64
C LYS C 284 -42.55 -2.58 0.22
N LEU C 285 -41.25 -2.85 0.06
CA LEU C 285 -40.63 -2.83 -1.26
C LEU C 285 -39.65 -3.98 -1.51
N GLY C 286 -38.74 -4.19 -0.56
CA GLY C 286 -37.65 -5.14 -0.71
C GLY C 286 -38.00 -6.59 -0.47
N GLN C 287 -37.21 -7.48 -1.07
CA GLN C 287 -37.40 -8.92 -0.95
C GLN C 287 -36.87 -9.40 0.40
N TYR C 288 -35.94 -8.63 0.97
CA TYR C 288 -35.27 -9.00 2.20
C TYR C 288 -35.42 -7.90 3.23
N GLU C 289 -35.73 -8.26 4.47
CA GLU C 289 -35.77 -7.33 5.58
C GLU C 289 -34.90 -7.90 6.70
N ILE C 290 -33.75 -7.27 6.94
CA ILE C 290 -32.78 -7.79 7.89
C ILE C 290 -32.78 -6.99 9.19
N HIS C 291 -33.43 -7.55 10.20
CA HIS C 291 -33.60 -6.89 11.49
C HIS C 291 -32.32 -6.95 12.29
N LEU C 292 -31.86 -5.79 12.75
CA LEU C 292 -30.60 -5.69 13.47
C LEU C 292 -30.55 -6.56 14.73
N HIS C 293 -31.64 -6.59 15.47
CA HIS C 293 -31.72 -7.40 16.69
C HIS C 293 -31.65 -8.91 16.43
N ASP C 294 -32.03 -9.34 15.23
CA ASP C 294 -31.93 -10.74 14.83
C ASP C 294 -30.50 -11.22 14.56
N LEU C 295 -29.55 -10.28 14.47
CA LEU C 295 -28.17 -10.62 14.12
C LEU C 295 -27.35 -11.08 15.31
N PHE C 296 -27.72 -10.61 16.50
CA PHE C 296 -26.90 -10.80 17.69
C PHE C 296 -27.63 -11.64 18.75
N MET D 1 20.48 5.22 -32.88
CA MET D 1 20.27 5.76 -31.50
C MET D 1 20.07 4.65 -30.46
N GLU D 2 20.91 4.66 -29.42
CA GLU D 2 20.80 3.70 -28.33
C GLU D 2 20.74 4.41 -26.98
N ILE D 3 19.93 3.87 -26.07
CA ILE D 3 19.97 4.30 -24.66
C ILE D 3 20.30 3.09 -23.80
N ASN D 4 21.47 3.14 -23.17
CA ASN D 4 21.94 2.03 -22.32
C ASN D 4 21.97 0.68 -23.05
N GLY D 5 22.31 0.71 -24.33
CA GLY D 5 22.39 -0.49 -25.13
C GLY D 5 21.08 -0.88 -25.79
N VAL D 6 20.02 -0.13 -25.49
CA VAL D 6 18.69 -0.45 -25.99
C VAL D 6 18.42 0.35 -27.26
N GLU D 7 18.10 -0.35 -28.36
CA GLU D 7 17.73 0.31 -29.63
C GLU D 7 16.51 1.19 -29.44
N ILE D 8 16.54 2.38 -30.03
CA ILE D 8 15.35 3.23 -30.11
C ILE D 8 14.94 3.37 -31.57
N GLU D 9 13.85 2.69 -31.95
CA GLU D 9 13.38 2.71 -33.34
C GLU D 9 13.12 4.14 -33.83
N ASP D 10 13.57 4.42 -35.05
CA ASP D 10 13.30 5.70 -35.69
C ASP D 10 11.86 5.68 -36.23
N THR D 11 10.91 5.82 -35.30
CA THR D 11 9.49 5.85 -35.65
C THR D 11 8.77 6.91 -34.78
N PHE D 12 7.44 6.92 -34.84
CA PHE D 12 6.67 7.89 -34.08
C PHE D 12 5.41 7.31 -33.43
N ALA D 13 5.02 7.95 -32.33
CA ALA D 13 3.71 7.74 -31.75
C ALA D 13 2.75 8.69 -32.45
N GLU D 14 1.58 8.19 -32.84
CA GLU D 14 0.53 9.03 -33.40
C GLU D 14 -0.58 9.21 -32.37
N ALA D 15 -0.80 10.47 -32.00
CA ALA D 15 -1.74 10.80 -30.93
C ALA D 15 -2.84 11.74 -31.41
N PHE D 16 -3.84 11.96 -30.56
CA PHE D 16 -5.07 12.63 -30.98
C PHE D 16 -5.51 13.69 -30.01
N GLU D 17 -6.23 14.68 -30.54
CA GLU D 17 -6.95 15.64 -29.72
C GLU D 17 -8.02 14.88 -28.92
N ALA D 18 -8.15 15.24 -27.65
CA ALA D 18 -9.18 14.68 -26.80
C ALA D 18 -9.56 15.71 -25.76
N LYS D 19 -10.81 15.66 -25.31
CA LYS D 19 -11.26 16.58 -24.28
C LYS D 19 -10.85 16.06 -22.90
N MET D 20 -10.37 16.97 -22.05
CA MET D 20 -9.86 16.60 -20.74
C MET D 20 -10.20 17.56 -19.61
N ALA D 21 -10.47 16.96 -18.46
CA ALA D 21 -10.65 17.71 -17.24
C ALA D 21 -9.55 17.30 -16.24
N ARG D 22 -9.31 18.14 -15.25
CA ARG D 22 -8.31 17.86 -14.22
C ARG D 22 -8.90 18.27 -12.88
N VAL D 23 -8.89 17.34 -11.92
CA VAL D 23 -9.59 17.51 -10.66
C VAL D 23 -8.63 17.35 -9.48
N LEU D 24 -8.68 18.29 -8.54
CA LEU D 24 -7.95 18.15 -7.29
C LEU D 24 -8.87 17.55 -6.24
N ILE D 25 -8.52 16.37 -5.75
CA ILE D 25 -9.25 15.73 -4.65
C ILE D 25 -8.47 15.92 -3.36
N THR D 26 -9.09 16.57 -2.37
CA THR D 26 -8.50 16.66 -1.04
C THR D 26 -9.32 15.80 -0.08
N ALA D 27 -8.70 15.41 1.03
CA ALA D 27 -9.35 14.55 2.03
C ALA D 27 -8.61 14.69 3.36
N ALA D 28 -9.09 14.02 4.40
CA ALA D 28 -8.48 14.12 5.73
C ALA D 28 -7.04 13.64 5.77
N SER D 29 -6.70 12.69 4.89
CA SER D 29 -5.33 12.20 4.73
C SER D 29 -5.07 11.81 3.28
N HIS D 30 -3.80 11.54 2.96
CA HIS D 30 -3.42 11.03 1.64
C HIS D 30 -4.11 9.70 1.39
N LYS D 31 -4.25 8.88 2.43
CA LYS D 31 -4.92 7.58 2.37
C LYS D 31 -6.36 7.67 1.84
N TRP D 32 -7.16 8.57 2.42
CA TRP D 32 -8.56 8.74 2.04
C TRP D 32 -8.72 9.46 0.70
N ALA D 33 -7.79 10.35 0.38
CA ALA D 33 -7.76 10.96 -0.95
C ALA D 33 -7.54 9.88 -2.00
N MET D 34 -6.55 9.00 -1.76
CA MET D 34 -6.29 7.85 -2.62
C MET D 34 -7.47 6.88 -2.79
N ILE D 35 -8.24 6.68 -1.71
CA ILE D 35 -9.48 5.90 -1.75
C ILE D 35 -10.46 6.46 -2.77
N ALA D 36 -10.73 7.76 -2.69
CA ALA D 36 -11.62 8.43 -3.62
C ALA D 36 -11.07 8.37 -5.05
N VAL D 37 -9.78 8.66 -5.18
CA VAL D 37 -9.07 8.67 -6.46
C VAL D 37 -9.16 7.34 -7.24
N LYS D 38 -8.88 6.22 -6.57
CA LYS D 38 -8.92 4.90 -7.21
C LYS D 38 -10.32 4.54 -7.69
N GLU D 39 -11.33 4.88 -6.88
CA GLU D 39 -12.70 4.65 -7.26
C GLU D 39 -13.08 5.50 -8.48
N ALA D 40 -12.76 6.79 -8.42
CA ALA D 40 -13.14 7.76 -9.46
C ALA D 40 -12.41 7.56 -10.79
N THR D 41 -11.21 6.99 -10.75
CA THR D 41 -10.40 6.79 -11.96
C THR D 41 -10.42 5.37 -12.52
N GLY D 42 -11.07 4.44 -11.81
CA GLY D 42 -11.18 3.05 -12.24
C GLY D 42 -12.19 2.90 -13.37
N PHE D 43 -12.26 1.71 -13.95
CA PHE D 43 -13.07 1.45 -15.14
C PHE D 43 -12.91 2.60 -16.14
N GLY D 44 -11.67 2.89 -16.48
CA GLY D 44 -11.34 4.03 -17.31
C GLY D 44 -9.98 3.90 -17.95
N THR D 45 -9.80 2.81 -18.69
CA THR D 45 -8.53 2.56 -19.39
C THR D 45 -8.57 3.08 -20.81
N SER D 46 -9.73 2.89 -21.46
CA SER D 46 -9.87 3.14 -22.89
C SER D 46 -11.33 3.41 -23.21
N VAL D 47 -11.59 4.38 -24.08
CA VAL D 47 -12.98 4.67 -24.51
C VAL D 47 -13.55 3.61 -25.47
N ILE D 48 -12.71 2.63 -25.85
CA ILE D 48 -13.15 1.50 -26.67
C ILE D 48 -14.31 0.78 -25.98
N MET D 49 -14.14 0.40 -24.72
CA MET D 49 -15.20 -0.26 -23.95
C MET D 49 -15.42 0.26 -22.52
N CYS D 50 -14.62 1.26 -22.11
CA CYS D 50 -14.85 1.98 -20.85
C CYS D 50 -15.54 3.33 -21.09
N PRO D 51 -16.23 3.87 -20.07
CA PRO D 51 -16.92 5.16 -20.22
C PRO D 51 -15.99 6.39 -20.34
N ALA D 52 -14.73 6.25 -19.94
CA ALA D 52 -13.75 7.34 -20.00
C ALA D 52 -12.32 6.84 -19.91
N GLU D 53 -11.36 7.73 -20.09
CA GLU D 53 -9.95 7.44 -19.86
C GLU D 53 -9.49 8.33 -18.72
N ALA D 54 -9.13 7.72 -17.60
CA ALA D 54 -8.86 8.45 -16.38
C ALA D 54 -7.64 7.90 -15.64
N GLY D 55 -7.04 8.73 -14.79
CA GLY D 55 -5.85 8.33 -14.05
C GLY D 55 -5.34 9.41 -13.12
N ILE D 56 -4.45 9.00 -12.23
CA ILE D 56 -3.77 9.91 -11.31
C ILE D 56 -2.76 10.73 -12.10
N ASP D 57 -2.79 12.04 -11.89
CA ASP D 57 -1.74 12.93 -12.36
C ASP D 57 -0.65 13.10 -11.29
N CYS D 58 -0.92 13.90 -10.26
CA CYS D 58 0.04 14.08 -9.16
C CYS D 58 -0.39 13.34 -7.91
N GLY D 59 0.44 12.38 -7.48
CA GLY D 59 0.15 11.55 -6.31
C GLY D 59 0.19 12.26 -4.97
N TYR D 60 0.91 13.38 -4.91
CA TYR D 60 1.08 14.13 -3.67
C TYR D 60 1.00 15.63 -3.91
N VAL D 61 -0.08 16.25 -3.44
CA VAL D 61 -0.17 17.69 -3.34
C VAL D 61 -0.06 18.02 -1.86
N PRO D 62 0.92 18.86 -1.48
CA PRO D 62 1.06 19.21 -0.07
C PRO D 62 -0.16 19.97 0.44
N PRO D 63 -0.58 19.72 1.71
CA PRO D 63 -1.67 20.45 2.34
C PRO D 63 -1.63 21.98 2.17
N GLU D 64 -0.46 22.60 2.29
CA GLU D 64 -0.35 24.06 2.17
C GLU D 64 -0.57 24.61 0.75
N GLU D 65 -0.62 23.72 -0.24
CA GLU D 65 -0.90 24.12 -1.63
C GLU D 65 -2.32 23.85 -2.08
N THR D 66 -3.16 23.36 -1.16
CA THR D 66 -4.58 23.08 -1.47
C THR D 66 -5.49 24.20 -0.92
N PRO D 67 -6.71 24.34 -1.47
CA PRO D 67 -7.64 25.39 -1.04
C PRO D 67 -8.08 25.27 0.42
N ASP D 68 -8.10 24.05 0.95
CA ASP D 68 -8.60 23.77 2.29
C ASP D 68 -7.51 23.38 3.29
N GLY D 69 -6.26 23.39 2.84
CA GLY D 69 -5.14 23.06 3.71
C GLY D 69 -5.07 21.57 4.07
N ARG D 70 -5.71 20.73 3.27
CA ARG D 70 -5.70 19.28 3.50
C ARG D 70 -4.92 18.55 2.41
N PRO D 71 -4.39 17.34 2.70
CA PRO D 71 -3.66 16.55 1.71
C PRO D 71 -4.48 16.36 0.44
N GLY D 72 -3.81 16.41 -0.71
CA GLY D 72 -4.45 16.35 -2.01
C GLY D 72 -3.81 15.42 -3.03
N VAL D 73 -4.58 15.08 -4.07
CA VAL D 73 -4.12 14.28 -5.19
C VAL D 73 -4.84 14.84 -6.42
N THR D 74 -4.14 14.95 -7.54
CA THR D 74 -4.80 15.39 -8.77
C THR D 74 -5.03 14.23 -9.73
N ILE D 75 -6.20 14.24 -10.36
CA ILE D 75 -6.56 13.23 -11.33
C ILE D 75 -6.95 13.91 -12.64
N MET D 76 -6.95 13.13 -13.72
CA MET D 76 -7.40 13.61 -15.00
C MET D 76 -8.40 12.63 -15.59
N ILE D 77 -9.40 13.17 -16.27
CA ILE D 77 -10.43 12.38 -16.92
C ILE D 77 -10.54 12.88 -18.35
N GLY D 78 -10.48 11.96 -19.32
CA GLY D 78 -10.54 12.32 -20.72
C GLY D 78 -11.58 11.54 -21.54
N HIS D 79 -12.01 12.13 -22.64
CA HIS D 79 -12.87 11.48 -23.61
C HIS D 79 -12.80 12.22 -24.94
N ASN D 80 -12.96 11.48 -26.03
CA ASN D 80 -12.99 12.10 -27.37
C ASN D 80 -14.18 13.02 -27.58
N ASP D 81 -15.28 12.77 -26.86
CA ASP D 81 -16.49 13.57 -26.99
C ASP D 81 -16.69 14.41 -25.74
N GLU D 82 -16.85 15.72 -25.93
CA GLU D 82 -16.96 16.65 -24.81
C GLU D 82 -18.21 16.46 -23.96
N ASP D 83 -19.34 16.18 -24.60
CA ASP D 83 -20.59 15.89 -23.89
C ASP D 83 -20.48 14.65 -22.99
N GLU D 84 -19.81 13.61 -23.49
CA GLU D 84 -19.56 12.41 -22.70
C GLU D 84 -18.59 12.69 -21.55
N LEU D 85 -17.58 13.52 -21.80
CA LEU D 85 -16.67 13.96 -20.73
C LEU D 85 -17.42 14.64 -19.58
N LYS D 86 -18.31 15.57 -19.93
CA LYS D 86 -19.12 16.26 -18.93
C LYS D 86 -19.97 15.30 -18.11
N GLU D 87 -20.61 14.34 -18.77
CA GLU D 87 -21.35 13.29 -18.09
C GLU D 87 -20.44 12.46 -17.16
N GLN D 88 -19.22 12.18 -17.60
CA GLN D 88 -18.26 11.39 -16.82
C GLN D 88 -17.76 12.14 -15.58
N LEU D 89 -17.56 13.44 -15.71
CA LEU D 89 -17.22 14.29 -14.57
C LEU D 89 -18.32 14.24 -13.51
N LEU D 90 -19.56 14.43 -13.96
CA LEU D 90 -20.71 14.39 -13.04
C LEU D 90 -20.85 13.04 -12.35
N ASP D 91 -20.74 11.97 -13.14
CA ASP D 91 -20.90 10.60 -12.62
C ASP D 91 -19.79 10.21 -11.66
N ARG D 92 -18.54 10.50 -12.04
CA ARG D 92 -17.37 10.09 -11.24
C ARG D 92 -17.18 10.92 -9.97
N ILE D 93 -17.38 12.23 -10.05
CA ILE D 93 -17.32 13.06 -8.84
C ILE D 93 -18.53 12.78 -7.93
N GLY D 94 -19.72 12.76 -8.52
CA GLY D 94 -20.96 12.53 -7.75
C GLY D 94 -21.11 11.16 -7.08
N GLN D 95 -20.55 10.13 -7.69
CA GLN D 95 -20.70 8.77 -7.19
C GLN D 95 -19.48 8.20 -6.48
N CYS D 96 -18.31 8.75 -6.78
CA CYS D 96 -17.06 8.18 -6.27
C CYS D 96 -16.27 9.12 -5.37
N VAL D 97 -16.51 10.43 -5.52
CA VAL D 97 -15.85 11.42 -4.67
C VAL D 97 -16.82 11.96 -3.63
N MET D 98 -18.03 12.31 -4.04
CA MET D 98 -19.04 12.79 -3.10
C MET D 98 -19.30 11.75 -2.00
N THR D 99 -19.34 10.48 -2.40
CA THR D 99 -19.61 9.36 -1.51
C THR D 99 -18.41 8.92 -0.65
N ALA D 100 -17.20 9.29 -1.07
CA ALA D 100 -15.97 8.90 -0.38
C ALA D 100 -15.75 9.70 0.89
N PRO D 101 -15.40 9.02 1.99
CA PRO D 101 -15.18 9.72 3.26
C PRO D 101 -14.21 10.92 3.17
N THR D 102 -14.68 12.07 3.66
CA THR D 102 -13.88 13.31 3.82
C THR D 102 -13.41 14.02 2.55
N ALA D 103 -13.65 13.42 1.38
CA ALA D 103 -13.09 13.93 0.13
C ALA D 103 -13.83 15.15 -0.41
N SER D 104 -13.05 16.14 -0.89
CA SER D 104 -13.59 17.31 -1.57
C SER D 104 -13.07 17.32 -3.01
N ALA D 105 -13.75 18.04 -3.90
CA ALA D 105 -13.31 18.12 -5.30
C ALA D 105 -13.20 19.57 -5.76
N PHE D 106 -11.99 19.95 -6.19
CA PHE D 106 -11.71 21.29 -6.72
C PHE D 106 -11.17 21.22 -8.14
N ASP D 107 -11.31 22.32 -8.88
CA ASP D 107 -10.77 22.41 -10.24
C ASP D 107 -9.25 22.47 -10.19
N ALA D 108 -8.60 21.72 -11.07
CA ALA D 108 -7.14 21.71 -11.14
C ALA D 108 -6.63 21.91 -12.57
N MET D 109 -7.50 22.45 -13.42
CA MET D 109 -7.13 22.77 -14.79
C MET D 109 -6.43 24.13 -14.79
N PRO D 110 -5.16 24.17 -15.27
CA PRO D 110 -4.44 25.46 -15.36
C PRO D 110 -5.19 26.45 -16.24
N GLU D 111 -5.19 27.72 -15.87
CA GLU D 111 -5.91 28.76 -16.62
C GLU D 111 -5.50 28.83 -18.10
N ALA D 112 -4.19 28.71 -18.34
CA ALA D 112 -3.63 28.73 -19.70
C ALA D 112 -4.18 27.63 -20.60
N GLU D 113 -4.77 26.60 -20.01
CA GLU D 113 -5.27 25.45 -20.76
C GLU D 113 -6.79 25.48 -20.94
N LYS D 114 -7.47 26.22 -20.07
CA LYS D 114 -8.93 26.28 -20.07
C LYS D 114 -9.50 26.77 -21.40
N GLU D 115 -10.45 26.02 -21.94
CA GLU D 115 -11.17 26.39 -23.16
C GLU D 115 -12.66 26.50 -22.87
N ASP D 116 -13.17 25.55 -22.10
CA ASP D 116 -14.59 25.45 -21.77
C ASP D 116 -14.80 25.31 -20.28
N GLU D 117 -16.05 25.45 -19.86
CA GLU D 117 -16.40 25.32 -18.45
C GLU D 117 -17.51 24.28 -18.29
N ASP D 118 -17.42 23.48 -17.23
CA ASP D 118 -18.47 22.54 -16.87
C ASP D 118 -18.87 22.79 -15.43
N ARG D 119 -20.11 23.23 -15.23
CA ARG D 119 -20.58 23.56 -13.89
C ARG D 119 -20.96 22.31 -13.08
N VAL D 120 -19.98 21.43 -12.88
CA VAL D 120 -20.18 20.13 -12.20
C VAL D 120 -20.72 20.32 -10.79
N GLY D 121 -20.07 21.20 -10.02
CA GLY D 121 -20.44 21.47 -8.64
C GLY D 121 -21.81 22.06 -8.48
N TYR D 122 -22.21 22.89 -9.44
CA TYR D 122 -23.55 23.45 -9.46
C TYR D 122 -24.56 22.35 -9.74
N LYS D 123 -24.24 21.51 -10.72
CA LYS D 123 -25.08 20.38 -11.07
C LYS D 123 -25.23 19.37 -9.93
N LEU D 124 -24.14 19.16 -9.18
CA LEU D 124 -24.17 18.29 -8.01
C LEU D 124 -24.89 18.87 -6.81
N SER D 125 -24.94 20.21 -6.72
CA SER D 125 -25.50 20.91 -5.56
C SER D 125 -26.96 20.57 -5.27
N PHE D 126 -27.70 20.19 -6.31
CA PHE D 126 -29.13 19.88 -6.20
C PHE D 126 -29.41 18.64 -5.36
N PHE D 127 -28.39 17.79 -5.20
CA PHE D 127 -28.41 16.68 -4.27
C PHE D 127 -28.75 17.12 -2.84
N GLY D 128 -28.37 18.35 -2.48
CA GLY D 128 -28.68 18.94 -1.17
C GLY D 128 -30.15 19.22 -0.92
N ASP D 129 -30.99 19.04 -1.94
CA ASP D 129 -32.45 19.14 -1.84
C ASP D 129 -32.96 20.45 -1.21
N GLY D 130 -32.26 21.55 -1.47
CA GLY D 130 -32.66 22.86 -0.97
C GLY D 130 -31.75 23.42 0.10
N TYR D 131 -31.03 22.51 0.79
CA TYR D 131 -30.16 22.89 1.91
C TYR D 131 -28.74 23.22 1.47
N GLN D 132 -28.40 22.96 0.22
CA GLN D 132 -27.08 23.32 -0.32
C GLN D 132 -26.88 24.83 -0.28
N GLU D 133 -25.61 25.23 -0.21
CA GLU D 133 -25.25 26.61 0.06
C GLU D 133 -23.95 26.93 -0.66
N GLU D 134 -23.97 28.01 -1.44
CA GLU D 134 -22.78 28.50 -2.10
C GLU D 134 -21.91 29.27 -1.10
N ASP D 135 -20.59 29.18 -1.29
CA ASP D 135 -19.64 29.90 -0.46
C ASP D 135 -18.39 30.20 -1.27
N GLU D 136 -17.47 30.93 -0.66
CA GLU D 136 -16.14 31.18 -1.24
C GLU D 136 -15.10 30.51 -0.36
N LEU D 137 -14.20 29.76 -1.01
CA LEU D 137 -13.11 29.09 -0.31
C LEU D 137 -11.80 29.31 -1.06
N ASP D 138 -10.86 30.01 -0.41
CA ASP D 138 -9.55 30.34 -1.00
C ASP D 138 -9.69 31.03 -2.37
N GLY D 139 -10.70 31.87 -2.50
CA GLY D 139 -10.95 32.61 -3.75
C GLY D 139 -11.76 31.83 -4.77
N ARG D 140 -12.12 30.60 -4.43
CA ARG D 140 -12.90 29.74 -5.33
C ARG D 140 -14.37 29.74 -4.94
N LYS D 141 -15.23 29.70 -5.95
CA LYS D 141 -16.67 29.56 -5.75
C LYS D 141 -16.97 28.07 -5.55
N VAL D 142 -17.49 27.73 -4.37
CA VAL D 142 -17.79 26.34 -4.04
C VAL D 142 -19.23 26.15 -3.55
N TRP D 143 -19.68 24.91 -3.64
CA TRP D 143 -20.96 24.51 -3.06
C TRP D 143 -20.75 23.62 -1.85
N LYS D 144 -21.47 23.91 -0.78
CA LYS D 144 -21.45 23.08 0.42
C LYS D 144 -22.73 22.27 0.44
N ILE D 145 -22.60 20.98 0.12
CA ILE D 145 -23.74 20.08 0.01
C ILE D 145 -23.87 19.25 1.28
N PRO D 146 -25.03 19.35 1.97
CA PRO D 146 -25.23 18.62 3.22
C PRO D 146 -25.30 17.13 2.95
N VAL D 147 -24.48 16.38 3.67
CA VAL D 147 -24.42 14.93 3.53
C VAL D 147 -24.37 14.34 4.93
N VAL D 148 -24.69 13.06 5.05
CA VAL D 148 -24.78 12.41 6.37
C VAL D 148 -23.49 12.52 7.19
N GLU D 149 -22.35 12.53 6.49
CA GLU D 149 -21.03 12.72 7.13
C GLU D 149 -20.86 14.14 7.70
N GLY D 150 -21.50 15.10 7.04
CA GLY D 150 -21.32 16.52 7.33
C GLY D 150 -21.60 17.35 6.10
N GLU D 151 -20.56 17.65 5.34
CA GLU D 151 -20.70 18.40 4.08
C GLU D 151 -19.81 17.84 3.00
N PHE D 152 -20.28 17.92 1.75
CA PHE D 152 -19.43 17.72 0.58
C PHE D 152 -19.09 19.07 -0.05
N ILE D 153 -17.79 19.37 -0.14
CA ILE D 153 -17.33 20.61 -0.76
C ILE D 153 -16.89 20.33 -2.20
N VAL D 154 -17.53 21.03 -3.15
CA VAL D 154 -17.21 20.89 -4.57
C VAL D 154 -17.23 22.26 -5.27
N GLU D 155 -16.18 22.53 -6.04
CA GLU D 155 -16.06 23.80 -6.79
C GLU D 155 -17.22 23.93 -7.77
N ASP D 156 -17.81 25.12 -7.88
CA ASP D 156 -18.93 25.36 -8.81
C ASP D 156 -18.64 24.84 -10.22
N SER D 157 -17.47 25.20 -10.74
CA SER D 157 -17.17 24.91 -12.14
C SER D 157 -15.76 24.38 -12.37
N PHE D 158 -15.65 23.48 -13.35
CA PHE D 158 -14.41 22.84 -13.72
C PHE D 158 -14.06 23.18 -15.18
N GLY D 159 -12.79 23.47 -15.45
CA GLY D 159 -12.36 23.83 -16.80
C GLY D 159 -12.07 22.60 -17.64
N ILE D 160 -12.34 22.73 -18.94
CA ILE D 160 -12.14 21.64 -19.88
C ILE D 160 -11.19 22.16 -20.96
N THR D 161 -10.25 21.30 -21.36
CA THR D 161 -9.28 21.64 -22.39
C THR D 161 -9.33 20.63 -23.53
N THR D 162 -8.75 20.99 -24.67
CA THR D 162 -8.47 20.01 -25.70
C THR D 162 -7.07 19.53 -25.41
N GLY D 163 -6.94 18.31 -24.90
CA GLY D 163 -5.65 17.75 -24.54
C GLY D 163 -5.16 16.81 -25.63
N VAL D 164 -4.24 15.92 -25.25
CA VAL D 164 -3.68 14.94 -26.17
C VAL D 164 -3.87 13.54 -25.61
N ALA D 165 -4.40 12.63 -26.43
CA ALA D 165 -4.57 11.23 -26.06
C ALA D 165 -3.88 10.29 -27.04
N GLY D 166 -3.24 9.25 -26.51
CA GLY D 166 -2.69 8.19 -27.34
C GLY D 166 -1.19 8.26 -27.57
N GLY D 167 -0.51 9.14 -26.86
CA GLY D 167 0.94 9.11 -26.83
C GLY D 167 1.32 7.74 -26.33
N ASN D 168 2.39 7.17 -26.86
CA ASN D 168 2.73 5.78 -26.53
C ASN D 168 4.17 5.39 -26.84
N PHE D 169 4.61 4.31 -26.21
CA PHE D 169 5.78 3.58 -26.68
C PHE D 169 5.65 2.10 -26.33
N TYR D 170 6.36 1.27 -27.09
CA TYR D 170 6.43 -0.16 -26.82
C TYR D 170 7.78 -0.51 -26.20
N ILE D 171 7.73 -1.35 -25.18
CA ILE D 171 8.91 -1.94 -24.58
C ILE D 171 9.00 -3.38 -25.05
N MET D 172 10.06 -3.68 -25.80
CA MET D 172 10.30 -5.02 -26.31
C MET D 172 11.45 -5.64 -25.52
N ALA D 173 11.13 -6.69 -24.77
CA ALA D 173 12.10 -7.32 -23.88
C ALA D 173 12.32 -8.80 -24.16
N GLU D 174 13.37 -9.34 -23.54
CA GLU D 174 13.78 -10.73 -23.70
C GLU D 174 12.83 -11.72 -23.01
N SER D 175 12.00 -11.22 -22.10
CA SER D 175 11.05 -12.04 -21.36
C SER D 175 9.95 -11.17 -20.78
N GLN D 176 8.86 -11.79 -20.35
CA GLN D 176 7.76 -11.10 -19.68
C GLN D 176 8.22 -10.43 -18.38
N PRO D 177 8.89 -11.18 -17.48
CA PRO D 177 9.39 -10.51 -16.28
C PRO D 177 10.26 -9.27 -16.56
N ALA D 178 11.14 -9.36 -17.55
CA ALA D 178 12.04 -8.24 -17.90
C ALA D 178 11.25 -7.06 -18.43
N GLY D 179 10.25 -7.36 -19.26
CA GLY D 179 9.40 -6.33 -19.83
C GLY D 179 8.63 -5.58 -18.75
N LEU D 180 8.09 -6.32 -17.79
CA LEU D 180 7.26 -5.73 -16.75
C LEU D 180 8.07 -4.91 -15.75
N GLN D 181 9.30 -5.36 -15.45
CA GLN D 181 10.21 -4.57 -14.61
C GLN D 181 10.54 -3.25 -15.28
N ALA D 182 10.85 -3.29 -16.58
CA ALA D 182 11.13 -2.07 -17.33
C ALA D 182 9.90 -1.16 -17.38
N ALA D 183 8.74 -1.75 -17.67
CA ALA D 183 7.49 -0.99 -17.81
C ALA D 183 7.07 -0.28 -16.52
N GLU D 184 7.31 -0.90 -15.37
CA GLU D 184 6.95 -0.27 -14.10
C GLU D 184 7.89 0.88 -13.73
N ALA D 185 9.18 0.72 -14.01
CA ALA D 185 10.15 1.80 -13.88
C ALA D 185 9.75 3.00 -14.75
N ALA D 186 9.30 2.72 -15.97
CA ALA D 186 8.77 3.76 -16.85
C ALA D 186 7.61 4.50 -16.18
N VAL D 187 6.67 3.75 -15.60
CA VAL D 187 5.48 4.34 -15.01
C VAL D 187 5.84 5.18 -13.78
N ASP D 188 6.81 4.69 -13.00
CA ASP D 188 7.35 5.47 -11.89
C ASP D 188 7.85 6.85 -12.34
N ALA D 189 8.55 6.87 -13.48
CA ALA D 189 9.02 8.11 -14.11
C ALA D 189 7.86 9.01 -14.52
N ILE D 190 6.87 8.42 -15.18
CA ILE D 190 5.71 9.16 -15.70
C ILE D 190 4.88 9.79 -14.58
N LYS D 191 4.88 9.16 -13.40
CA LYS D 191 4.24 9.70 -12.19
C LYS D 191 4.68 11.13 -11.93
N GLY D 192 5.99 11.39 -12.05
CA GLY D 192 6.55 12.70 -11.76
C GLY D 192 6.30 13.79 -12.77
N VAL D 193 5.65 13.47 -13.90
CA VAL D 193 5.41 14.44 -14.97
C VAL D 193 4.02 15.06 -14.83
N GLU D 194 3.97 16.33 -14.43
CA GLU D 194 2.70 17.01 -14.23
C GLU D 194 1.94 17.17 -15.54
N GLY D 195 0.64 16.88 -15.50
CA GLY D 195 -0.23 17.10 -16.65
C GLY D 195 -0.29 15.93 -17.61
N ALA D 196 0.35 14.81 -17.24
CA ALA D 196 0.27 13.57 -18.00
C ALA D 196 -0.18 12.41 -17.12
N TYR D 197 -1.00 11.52 -17.68
CA TYR D 197 -1.42 10.30 -16.96
C TYR D 197 -1.42 9.06 -17.88
N ALA D 198 -1.29 7.88 -17.27
CA ALA D 198 -1.33 6.61 -17.98
C ALA D 198 -2.56 5.83 -17.53
N PRO D 199 -3.62 5.82 -18.36
CA PRO D 199 -4.93 5.30 -17.96
C PRO D 199 -5.06 3.78 -17.75
N PHE D 200 -4.19 2.98 -18.37
CA PHE D 200 -4.27 1.51 -18.24
C PHE D 200 -3.86 1.00 -16.84
N PRO D 201 -4.17 -0.27 -16.53
CA PRO D 201 -3.89 -0.77 -15.18
C PRO D 201 -2.40 -0.73 -14.82
N GLY D 202 -2.08 0.02 -13.77
CA GLY D 202 -0.67 0.28 -13.38
C GLY D 202 0.09 1.07 -14.43
N GLY D 203 -0.65 1.63 -15.39
CA GLY D 203 -0.12 2.45 -16.48
C GLY D 203 0.28 1.67 -17.73
N ILE D 204 0.12 0.36 -17.68
CA ILE D 204 0.70 -0.57 -18.65
C ILE D 204 -0.39 -1.34 -19.43
N VAL D 205 -0.22 -1.43 -20.75
CA VAL D 205 -1.11 -2.23 -21.61
C VAL D 205 -0.45 -3.58 -21.89
N ALA D 206 -1.09 -4.66 -21.43
CA ALA D 206 -0.59 -6.01 -21.70
C ALA D 206 -1.13 -6.55 -23.01
N SER D 207 -2.17 -5.90 -23.54
CA SER D 207 -2.87 -6.35 -24.74
C SER D 207 -3.12 -5.22 -25.74
N ALA D 208 -2.04 -4.69 -26.32
CA ALA D 208 -2.12 -3.65 -27.33
C ALA D 208 -2.95 -4.17 -28.51
N SER D 209 -3.74 -3.30 -29.11
CA SER D 209 -4.58 -3.73 -30.20
C SER D 209 -4.12 -3.15 -31.54
N LYS D 210 -4.56 -3.80 -32.62
CA LYS D 210 -4.41 -3.27 -33.97
C LYS D 210 -5.79 -2.92 -34.51
N VAL D 211 -5.83 -2.04 -35.50
CA VAL D 211 -7.10 -1.66 -36.15
C VAL D 211 -7.56 -2.81 -37.04
N GLY D 212 -8.83 -3.18 -36.86
CA GLY D 212 -9.46 -4.20 -37.70
C GLY D 212 -9.07 -5.62 -37.32
N SER D 213 -9.41 -6.54 -38.21
CA SER D 213 -9.24 -7.96 -37.98
C SER D 213 -8.91 -8.68 -39.28
N LYS D 214 -8.05 -9.70 -39.18
CA LYS D 214 -7.66 -10.50 -40.34
C LYS D 214 -8.60 -11.69 -40.59
N GLN D 215 -9.21 -12.19 -39.51
CA GLN D 215 -10.06 -13.37 -39.57
C GLN D 215 -11.55 -13.02 -39.49
N TYR D 216 -11.89 -11.98 -38.72
CA TYR D 216 -13.30 -11.65 -38.45
C TYR D 216 -13.69 -10.29 -38.98
N ASP D 217 -14.60 -10.29 -39.95
CA ASP D 217 -15.10 -9.07 -40.57
C ASP D 217 -15.86 -8.16 -39.60
N PHE D 218 -16.28 -8.73 -38.47
CA PHE D 218 -17.12 -8.03 -37.51
C PHE D 218 -16.35 -7.32 -36.38
N LEU D 219 -15.04 -7.50 -36.33
CA LEU D 219 -14.24 -6.83 -35.30
C LEU D 219 -13.75 -5.45 -35.72
N PRO D 220 -13.91 -4.44 -34.84
CA PRO D 220 -13.31 -3.12 -35.03
C PRO D 220 -11.80 -3.13 -34.76
N ALA D 221 -11.39 -3.96 -33.81
CA ALA D 221 -10.01 -4.06 -33.34
C ALA D 221 -9.76 -5.48 -32.85
N SER D 222 -8.50 -5.89 -32.87
CA SER D 222 -8.11 -7.20 -32.37
C SER D 222 -6.70 -7.12 -31.83
N THR D 223 -6.17 -8.26 -31.37
CA THR D 223 -4.82 -8.31 -30.86
C THR D 223 -3.82 -7.93 -31.95
N ASN D 224 -2.89 -7.05 -31.62
CA ASN D 224 -1.83 -6.69 -32.54
C ASN D 224 -0.90 -7.87 -32.72
N ASP D 225 -1.31 -8.79 -33.61
CA ASP D 225 -0.61 -10.06 -33.79
C ASP D 225 0.82 -9.86 -34.27
N ALA D 226 1.07 -8.75 -34.97
CA ALA D 226 2.41 -8.43 -35.43
C ALA D 226 3.37 -8.36 -34.23
N TYR D 227 2.85 -7.98 -33.07
CA TYR D 227 3.64 -7.87 -31.84
C TYR D 227 3.32 -8.93 -30.78
N CYS D 228 2.61 -9.98 -31.18
CA CYS D 228 2.32 -11.11 -30.28
C CYS D 228 3.41 -12.18 -30.38
N PRO D 229 4.14 -12.43 -29.28
CA PRO D 229 5.24 -13.40 -29.34
C PRO D 229 4.80 -14.86 -29.53
N THR D 230 3.54 -15.19 -29.25
CA THR D 230 3.05 -16.55 -29.48
C THR D 230 2.52 -16.78 -30.89
N VAL D 231 2.27 -15.71 -31.63
CA VAL D 231 1.87 -15.81 -33.02
C VAL D 231 3.09 -16.15 -33.89
N GLU D 232 2.95 -17.20 -34.70
CA GLU D 232 4.03 -17.71 -35.56
C GLU D 232 4.57 -16.65 -36.52
N ASP D 233 3.68 -15.96 -37.22
CA ASP D 233 4.07 -15.00 -38.25
C ASP D 233 4.15 -13.55 -37.75
N ASN D 234 4.60 -13.37 -36.51
CA ASN D 234 4.79 -12.03 -35.95
C ASN D 234 5.97 -11.29 -36.57
N GLU D 235 5.97 -9.96 -36.43
CA GLU D 235 7.03 -9.11 -36.95
C GLU D 235 8.01 -8.71 -35.85
N LEU D 236 8.09 -9.53 -34.81
CA LEU D 236 8.94 -9.22 -33.67
C LEU D 236 10.39 -9.56 -33.95
N PRO D 237 11.32 -8.73 -33.45
CA PRO D 237 12.72 -9.12 -33.56
C PRO D 237 12.90 -10.46 -32.86
N GLU D 238 13.83 -11.26 -33.36
CA GLU D 238 14.22 -12.44 -32.61
C GLU D 238 14.78 -11.96 -31.27
N GLY D 239 14.63 -12.79 -30.24
CA GLY D 239 15.11 -12.41 -28.92
C GLY D 239 14.09 -11.62 -28.12
N VAL D 240 13.05 -11.14 -28.79
CA VAL D 240 11.92 -10.48 -28.12
C VAL D 240 10.82 -11.50 -27.80
N LYS D 241 10.63 -11.76 -26.51
CA LYS D 241 9.64 -12.73 -26.04
C LYS D 241 8.44 -12.07 -25.33
N CYS D 242 8.49 -10.75 -25.17
CA CYS D 242 7.41 -9.97 -24.54
C CYS D 242 7.40 -8.52 -25.00
N VAL D 243 6.20 -8.00 -25.22
CA VAL D 243 6.00 -6.60 -25.58
C VAL D 243 4.97 -5.97 -24.63
N TYR D 244 5.33 -4.83 -24.05
CA TYR D 244 4.34 -4.01 -23.32
C TYR D 244 4.18 -2.66 -23.99
N GLU D 245 2.98 -2.10 -23.91
CA GLU D 245 2.75 -0.74 -24.35
C GLU D 245 2.47 0.17 -23.15
N ILE D 246 3.05 1.37 -23.18
CA ILE D 246 2.67 2.43 -22.26
C ILE D 246 1.87 3.47 -23.05
N VAL D 247 0.63 3.69 -22.64
CA VAL D 247 -0.22 4.72 -23.26
C VAL D 247 -0.34 5.94 -22.35
N ILE D 248 -0.13 7.12 -22.92
CA ILE D 248 -0.10 8.35 -22.15
C ILE D 248 -1.06 9.39 -22.75
N ASN D 249 -1.90 9.95 -21.90
CA ASN D 249 -2.68 11.15 -22.24
C ASN D 249 -2.15 12.34 -21.43
N GLY D 250 -2.41 13.56 -21.90
CA GLY D 250 -1.91 14.74 -21.22
C GLY D 250 -2.65 16.03 -21.56
N LEU D 251 -2.41 17.07 -20.77
CA LEU D 251 -3.05 18.36 -20.99
C LEU D 251 -2.66 19.00 -22.31
N ASN D 252 -1.44 18.75 -22.74
CA ASN D 252 -0.92 19.24 -24.01
C ASN D 252 0.12 18.28 -24.58
N GLU D 253 0.61 18.57 -25.77
CA GLU D 253 1.61 17.72 -26.42
C GLU D 253 2.93 17.68 -25.64
N GLU D 254 3.29 18.78 -24.99
CA GLU D 254 4.55 18.79 -24.20
C GLU D 254 4.53 17.83 -23.03
N ALA D 255 3.39 17.74 -22.33
CA ALA D 255 3.25 16.81 -21.22
C ALA D 255 3.40 15.37 -21.70
N VAL D 256 2.74 15.05 -22.80
CA VAL D 256 2.81 13.73 -23.42
C VAL D 256 4.25 13.38 -23.85
N LYS D 257 4.88 14.29 -24.59
CA LYS D 257 6.28 14.14 -25.00
C LYS D 257 7.22 13.91 -23.81
N GLU D 258 7.03 14.70 -22.75
CA GLU D 258 7.86 14.60 -21.55
C GLU D 258 7.68 13.25 -20.86
N ALA D 259 6.44 12.79 -20.73
CA ALA D 259 6.15 11.47 -20.13
C ALA D 259 6.77 10.35 -20.96
N MET D 260 6.66 10.46 -22.28
CA MET D 260 7.32 9.53 -23.20
C MET D 260 8.83 9.51 -23.01
N ARG D 261 9.43 10.70 -22.91
CA ARG D 261 10.88 10.83 -22.77
C ARG D 261 11.42 10.18 -21.49
N VAL D 262 10.89 10.58 -20.33
CA VAL D 262 11.36 10.03 -19.05
C VAL D 262 10.99 8.55 -18.85
N GLY D 263 9.84 8.16 -19.41
CA GLY D 263 9.38 6.77 -19.36
C GLY D 263 10.33 5.85 -20.11
N ILE D 264 10.71 6.24 -21.32
CA ILE D 264 11.66 5.46 -22.12
C ILE D 264 13.02 5.37 -21.43
N GLU D 265 13.53 6.52 -20.97
CA GLU D 265 14.83 6.54 -20.28
C GLU D 265 14.86 5.61 -19.07
N ALA D 266 13.81 5.65 -18.25
CA ALA D 266 13.71 4.78 -17.07
C ALA D 266 13.63 3.30 -17.46
N ALA D 267 12.81 2.99 -18.47
CA ALA D 267 12.70 1.64 -18.99
C ALA D 267 14.05 1.06 -19.45
N CYS D 268 14.82 1.89 -20.15
CA CYS D 268 16.11 1.45 -20.70
C CYS D 268 17.21 1.16 -19.68
N GLN D 269 17.00 1.57 -18.43
CA GLN D 269 17.96 1.29 -17.35
C GLN D 269 17.77 -0.11 -16.74
N GLN D 270 16.62 -0.72 -17.04
CA GLN D 270 16.27 -2.03 -16.51
C GLN D 270 16.77 -3.14 -17.45
N PRO D 271 17.23 -4.28 -16.89
CA PRO D 271 17.85 -5.35 -17.70
C PRO D 271 16.89 -6.11 -18.62
N GLY D 272 17.42 -6.60 -19.74
CA GLY D 272 16.67 -7.49 -20.61
C GLY D 272 15.75 -6.82 -21.61
N VAL D 273 15.93 -5.51 -21.77
CA VAL D 273 15.20 -4.74 -22.77
C VAL D 273 15.99 -4.77 -24.07
N VAL D 274 15.30 -5.12 -25.15
CA VAL D 274 15.94 -5.24 -26.47
C VAL D 274 15.80 -3.93 -27.26
N LYS D 275 14.57 -3.43 -27.38
CA LYS D 275 14.33 -2.18 -28.09
C LYS D 275 13.09 -1.43 -27.64
N ILE D 276 13.02 -0.17 -28.05
CA ILE D 276 11.85 0.69 -27.83
C ILE D 276 11.26 1.03 -29.19
N SER D 277 9.95 0.86 -29.30
CA SER D 277 9.19 1.26 -30.50
C SER D 277 8.01 2.15 -30.09
N ALA D 278 7.13 2.43 -31.06
CA ALA D 278 5.95 3.25 -30.82
C ALA D 278 4.89 2.89 -31.84
N GLY D 279 3.64 3.19 -31.54
CA GLY D 279 2.53 2.83 -32.42
C GLY D 279 1.95 4.04 -33.12
N ASN D 280 1.68 3.88 -34.41
CA ASN D 280 1.04 4.92 -35.22
C ASN D 280 0.07 4.32 -36.24
N PHE D 281 -0.57 5.18 -37.04
CA PHE D 281 -1.58 4.76 -38.00
C PHE D 281 -1.27 5.29 -39.40
N GLY D 282 0.03 5.35 -39.69
CA GLY D 282 0.53 5.81 -40.99
C GLY D 282 0.54 7.32 -41.20
N GLY D 283 0.32 8.07 -40.12
CA GLY D 283 0.20 9.52 -40.21
C GLY D 283 -1.08 10.03 -40.87
N LYS D 284 -2.08 9.16 -41.01
CA LYS D 284 -3.32 9.52 -41.68
C LYS D 284 -4.39 10.02 -40.71
N LEU D 285 -4.46 9.37 -39.54
CA LEU D 285 -5.55 9.57 -38.58
C LEU D 285 -5.30 10.73 -37.60
N GLY D 286 -4.12 10.76 -37.00
CA GLY D 286 -3.82 11.64 -35.88
C GLY D 286 -3.54 13.10 -36.16
N GLN D 287 -3.65 13.90 -35.10
CA GLN D 287 -3.32 15.31 -35.13
C GLN D 287 -1.87 15.52 -34.74
N TYR D 288 -1.33 14.55 -33.99
CA TYR D 288 0.04 14.65 -33.48
C TYR D 288 0.90 13.45 -33.89
N GLU D 289 2.15 13.74 -34.26
CA GLU D 289 3.15 12.72 -34.56
C GLU D 289 4.38 12.99 -33.72
N ILE D 290 4.66 12.11 -32.77
CA ILE D 290 5.76 12.30 -31.82
C ILE D 290 6.92 11.34 -32.10
N HIS D 291 7.95 11.86 -32.76
CA HIS D 291 9.08 11.07 -33.21
C HIS D 291 10.02 10.75 -32.06
N LEU D 292 10.28 9.47 -31.87
CA LEU D 292 11.09 9.00 -30.76
C LEU D 292 12.48 9.64 -30.72
N HIS D 293 13.11 9.77 -31.89
CA HIS D 293 14.44 10.38 -32.01
C HIS D 293 14.48 11.87 -31.63
N ASP D 294 13.35 12.55 -31.78
CA ASP D 294 13.22 13.97 -31.42
C ASP D 294 13.16 14.21 -29.91
N LEU D 295 13.07 13.15 -29.12
CA LEU D 295 12.89 13.29 -27.67
C LEU D 295 14.23 13.40 -26.92
N PHE D 296 15.27 12.82 -27.50
CA PHE D 296 16.55 12.67 -26.82
C PHE D 296 17.68 13.43 -27.53
K K E . 10.34 14.62 4.79
K K F . 11.52 4.43 12.19
K K G . 20.47 -5.29 -2.80
K K H . 23.72 20.31 9.89
C1 MFN I . 22.11 -13.85 3.96
O1 MFN I . 22.29 -12.18 5.90
C2 MFN I . 22.72 -12.70 4.65
O2 MFN I . 25.91 -10.11 6.22
C3 MFN I . 23.76 -12.04 4.17
O3 MFN I . 32.76 -6.25 9.11
C4 MFN I . 24.01 -11.03 5.14
O4 MFN I . 34.24 -1.51 10.28
C5 MFN I . 23.10 -11.15 6.15
O5 MFN I . 35.94 -2.35 11.43
C6 MFN I . 29.41 -7.89 5.89
N3 MFN I . 36.73 -2.41 8.35
C21 MFN I . 38.05 -2.95 8.13
O6 MFN I . 38.14 -2.96 6.65
C22 MFN I . 38.98 -4.18 8.60
C14 MFN I . 40.60 -4.07 8.04
C19 MFN I . 35.76 -3.20 9.17
C20 MFN I . 35.32 -2.32 10.37
C16 MFN I . 33.04 -5.57 8.10
C17 MFN I . 34.49 -5.03 7.97
C18 MFN I . 34.50 -3.53 8.33
N2 MFN I . 32.23 -5.57 7.06
C15 MFN I . 30.93 -6.29 7.08
C12 MFN I . 30.71 -7.09 5.78
C11 MFN I . 29.39 -9.13 6.56
C10 MFN I . 28.21 -9.86 6.68
C7 MFN I . 28.22 -7.41 5.31
C8 MFN I . 27.03 -8.16 5.42
C9 MFN I . 27.02 -9.38 6.09
C13 MFN I . 25.05 -10.05 5.05
N1 MFN I . 22.00 -15.03 4.85
K K J . 3.02 -16.79 7.21
K K K . 12.16 -8.42 8.98
K K L . 0.24 1.87 21.33
K K M . 8.37 -25.65 18.75
K K N . 9.14 -37.67 -2.89
C1 MFN O . 8.64 8.78 23.33
O1 MFN O . 10.09 6.70 22.96
C2 MFN O . 9.08 7.41 23.66
O2 MFN O . 10.32 4.06 26.21
C3 MFN O . 8.57 6.71 24.67
O3 MFN O . 10.55 -1.58 33.12
C4 MFN O . 9.29 5.47 24.62
O4 MFN O . 15.16 -5.44 33.39
C5 MFN O . 10.18 5.52 23.58
O5 MFN O . 13.26 -6.49 32.89
C6 MFN O . 9.95 1.40 29.37
N3 MFN O . 12.42 -5.47 35.57
C21 MFN O . 12.57 -5.08 36.89
O6 MFN O . 11.37 -4.61 37.38
C22 MFN O . 13.68 -4.98 38.04
C14 MFN O . 14.71 -3.84 37.73
C19 MFN O . 13.02 -4.67 34.47
C20 MFN O . 13.83 -5.60 33.53
C16 MFN O . 11.40 -1.94 32.30
C17 MFN O . 12.52 -2.89 32.77
C18 MFN O . 11.90 -3.99 33.66
N2 MFN O . 11.62 -1.15 31.24
C15 MFN O . 10.57 -0.89 30.23
C12 MFN O . 9.82 0.42 30.55
C11 MFN O . 10.70 2.58 29.53
C10 MFN O . 10.82 3.47 28.45
C7 MFN O . 9.32 1.13 28.15
C8 MFN O . 9.44 2.01 27.08
C9 MFN O . 10.19 3.20 27.22
C13 MFN O . 9.09 4.36 25.51
N1 MFN O . 9.75 9.74 23.53
K K P . -16.23 -0.17 -6.11
K K Q . -15.60 -10.00 1.63
K K R . -3.84 -9.62 -18.74
K K S . -27.98 -16.57 -4.84
C1 MFN T . -5.16 -1.51 -26.31
O1 MFN T . -7.52 -1.10 -25.44
C2 MFN T . -6.52 -1.94 -26.00
O2 MFN T . -10.53 -3.85 -26.30
C3 MFN T . -6.96 -3.19 -26.21
O3 MFN T . -17.86 -8.03 -28.62
C4 MFN T . -8.32 -3.15 -25.78
O4 MFN T . -21.55 -10.65 -28.73
C5 MFN T . -8.61 -1.88 -25.32
O5 MFN T . -21.48 -9.96 -30.85
C6 MFN T . -12.87 -7.01 -27.65
N3 MFN T . -19.72 -12.74 -29.32
C21 MFN T . -20.57 -13.92 -29.53
O6 MFN T . -20.17 -14.85 -28.74
C22 MFN T . -22.19 -13.62 -29.40
C14 MFN T . -22.92 -14.39 -30.62
C19 MFN T . -19.79 -11.58 -30.26
C20 MFN T . -21.00 -10.67 -29.97
C16 MFN T . -17.24 -9.10 -28.71
C17 MFN T . -18.05 -10.41 -28.78
C18 MFN T . -18.49 -10.73 -30.23
N2 MFN T . -15.98 -9.17 -28.29
C15 MFN T . -15.22 -7.99 -27.80
C12 MFN T . -13.72 -8.19 -28.15
C11 MFN T . -12.35 -7.03 -26.34
C10 MFN T . -11.56 -5.97 -25.88
C7 MFN T . -12.58 -5.93 -28.50
C8 MFN T . -11.79 -4.86 -28.03
C9 MFN T . -11.27 -4.88 -26.72
C13 MFN T . -9.23 -4.26 -25.80
N1 MFN T . -5.12 -0.06 -26.66
C35 MFN T . -3.94 0.53 -27.04
O16 MFN T . -3.33 0.15 -28.04
K K U . 1.86 12.42 -13.81
K K V . -7.51 4.25 -15.00
K K W . -17.01 13.12 0.17
K K X . -4.55 22.03 -24.12
K K Y . -11.13 20.44 -14.67
#